data_3IEG
#
_entry.id   3IEG
#
_cell.length_a   84.041
_cell.length_b   93.186
_cell.length_c   84.412
_cell.angle_alpha   90.00
_cell.angle_beta   119.50
_cell.angle_gamma   90.00
#
_symmetry.space_group_name_H-M   'P 1 21 1'
#
loop_
_entity.id
_entity.type
_entity.pdbx_description
1 polymer 'DnaJ homolog subfamily C member 3'
2 water water
#
_entity_poly.entity_id   1
_entity_poly.type   'polypeptide(L)'
_entity_poly.pdbx_seq_one_letter_code
;ADVEKHLELGKKLLAAGQLADALSQFHAAVDGDPDNYIAYYRRATVFLA(MSE)GKSKAALPDLTKVIALK(MSE)DFTA
ARLQRGHLLLKQGKLDEAEDDFKKVLKSNPSEQEEKEAESQLVKADE(MSE)QRLRSQALDAFDGADYTAAITFLDKILE
VCVWDAELRELRAECFIKEGEPRKAISDLKAASKLKSDNTEAFYKISTLYYQLGDHELSLSEVRECLKLDQDHKRCFAHY
KQVKKLNKLIESAEELIRDGRYTDATSKYESV(MSE)KTEPSVAEYTVRSKERICHCFSKDEKPVEAIRICSEVLQ
(MSE)EPDNVNALKDRAEAYLIEE(MSE)YDEAIQDYEAAQEHNENDQQIREGLEKAQRLLKQSQKR
;
_entity_poly.pdbx_strand_id   A,B
#
# COMPACT_ATOMS: atom_id res chain seq x y z
N ALA A 1 36.71 18.28 -12.03
CA ALA A 1 37.74 17.66 -12.94
C ALA A 1 37.52 16.17 -13.15
N ASP A 2 37.21 15.45 -12.07
CA ASP A 2 36.71 14.07 -12.21
C ASP A 2 35.30 14.16 -12.79
N VAL A 3 34.52 15.08 -12.23
CA VAL A 3 33.20 15.46 -12.74
C VAL A 3 33.23 15.80 -14.23
N GLU A 4 34.18 16.64 -14.63
CA GLU A 4 34.31 17.07 -16.02
C GLU A 4 34.59 15.89 -16.94
N LYS A 5 35.42 14.98 -16.44
CA LYS A 5 35.81 13.81 -17.20
C LYS A 5 34.62 12.85 -17.35
N HIS A 6 33.81 12.74 -16.29
CA HIS A 6 32.58 11.96 -16.35
C HIS A 6 31.58 12.58 -17.33
N LEU A 7 31.49 13.91 -17.33
CA LEU A 7 30.58 14.62 -18.20
C LEU A 7 30.92 14.37 -19.66
N GLU A 8 32.20 14.53 -19.98
CA GLU A 8 32.71 14.38 -21.34
C GLU A 8 32.48 12.96 -21.90
N LEU A 9 32.83 11.96 -21.09
CA LEU A 9 32.62 10.56 -21.46
C LEU A 9 31.14 10.26 -21.75
N GLY A 10 30.26 10.67 -20.83
CA GLY A 10 28.83 10.51 -20.99
C GLY A 10 28.29 11.07 -22.29
N LYS A 11 28.76 12.25 -22.69
CA LYS A 11 28.39 12.87 -23.95
C LYS A 11 28.75 11.99 -25.13
N LYS A 12 29.98 11.47 -25.13
CA LYS A 12 30.45 10.51 -26.14
C LYS A 12 29.55 9.28 -26.15
N LEU A 13 29.38 8.67 -24.97
CA LEU A 13 28.54 7.49 -24.82
C LEU A 13 27.11 7.74 -25.29
N LEU A 14 26.54 8.89 -24.91
CA LEU A 14 25.20 9.26 -25.36
C LEU A 14 25.14 9.33 -26.88
N ALA A 15 26.09 10.05 -27.49
CA ALA A 15 26.15 10.21 -28.94
C ALA A 15 26.19 8.85 -29.65
N ALA A 16 26.93 7.91 -29.07
CA ALA A 16 27.09 6.56 -29.60
C ALA A 16 25.92 5.61 -29.30
N GLY A 17 24.91 6.08 -28.58
CA GLY A 17 23.75 5.24 -28.27
C GLY A 17 23.87 4.32 -27.07
N GLN A 18 25.01 4.37 -26.38
CA GLN A 18 25.19 3.59 -25.16
C GLN A 18 24.57 4.32 -23.97
N LEU A 19 23.25 4.16 -23.82
CA LEU A 19 22.45 4.96 -22.91
C LEU A 19 22.74 4.66 -21.45
N ALA A 20 22.78 3.37 -21.11
CA ALA A 20 23.00 2.95 -19.74
C ALA A 20 24.39 3.39 -19.28
N ASP A 21 25.38 3.20 -20.13
CA ASP A 21 26.72 3.66 -19.81
C ASP A 21 26.80 5.18 -19.67
N ALA A 22 26.11 5.91 -20.55
CA ALA A 22 26.00 7.36 -20.41
C ALA A 22 25.37 7.73 -19.08
N LEU A 23 24.26 7.06 -18.76
CA LEU A 23 23.59 7.27 -17.49
C LEU A 23 24.53 7.13 -16.31
N SER A 24 25.37 6.09 -16.36
CA SER A 24 26.30 5.79 -15.27
C SER A 24 27.28 6.95 -15.03
N GLN A 25 27.81 7.50 -16.13
CA GLN A 25 28.72 8.62 -16.08
C GLN A 25 28.09 9.89 -15.51
N PHE A 26 26.85 10.16 -15.94
CA PHE A 26 26.14 11.34 -15.47
C PHE A 26 25.72 11.19 -13.99
N HIS A 27 25.42 9.96 -13.56
CA HIS A 27 25.22 9.65 -12.15
C HIS A 27 26.46 10.01 -11.32
N ALA A 28 27.60 9.52 -11.78
CA ALA A 28 28.90 9.76 -11.16
C ALA A 28 29.18 11.24 -11.07
N ALA A 29 28.88 11.96 -12.15
CA ALA A 29 29.08 13.40 -12.19
C ALA A 29 28.20 14.10 -11.15
N VAL A 30 26.91 13.75 -11.11
CA VAL A 30 25.99 14.32 -10.14
C VAL A 30 26.45 14.03 -8.70
N ASP A 31 26.88 12.79 -8.45
CA ASP A 31 27.35 12.39 -7.13
C ASP A 31 28.61 13.15 -6.71
N GLY A 32 29.49 13.37 -7.68
CA GLY A 32 30.73 14.11 -7.49
C GLY A 32 30.52 15.59 -7.23
N ASP A 33 29.40 16.15 -7.70
CA ASP A 33 29.05 17.55 -7.48
C ASP A 33 27.54 17.80 -7.50
N PRO A 34 26.88 17.74 -6.33
CA PRO A 34 25.42 17.79 -6.31
C PRO A 34 24.77 19.14 -6.71
N ASP A 35 25.57 20.19 -6.92
CA ASP A 35 25.05 21.53 -7.26
C ASP A 35 25.14 21.91 -8.74
N ASN A 36 25.88 21.11 -9.51
CA ASN A 36 26.15 21.38 -10.91
C ASN A 36 24.93 21.14 -11.79
N TYR A 37 24.41 22.21 -12.38
CA TYR A 37 23.14 22.11 -13.09
C TYR A 37 23.16 21.29 -14.38
N ILE A 38 24.23 21.35 -15.17
CA ILE A 38 24.28 20.53 -16.41
C ILE A 38 24.32 19.05 -16.12
N ALA A 39 25.00 18.66 -15.06
CA ALA A 39 25.08 17.25 -14.70
C ALA A 39 23.67 16.68 -14.62
N TYR A 40 22.78 17.36 -13.89
CA TYR A 40 21.39 16.94 -13.80
C TYR A 40 20.69 17.01 -15.14
N TYR A 41 21.05 17.99 -15.96
CA TYR A 41 20.45 18.09 -17.28
C TYR A 41 20.89 16.92 -18.15
N ARG A 42 22.19 16.63 -18.19
CA ARG A 42 22.71 15.53 -18.98
C ARG A 42 22.05 14.21 -18.60
N ARG A 43 21.94 13.97 -17.29
CA ARG A 43 21.25 12.78 -16.81
C ARG A 43 19.80 12.77 -17.28
N ALA A 44 19.15 13.93 -17.31
CA ALA A 44 17.76 13.95 -17.73
C ALA A 44 17.57 13.67 -19.22
N THR A 45 18.50 14.14 -20.06
CA THR A 45 18.39 13.86 -21.49
C THR A 45 18.58 12.37 -21.76
N VAL A 46 19.40 11.70 -20.94
CA VAL A 46 19.54 10.23 -21.03
C VAL A 46 18.26 9.49 -20.67
N PHE A 47 17.70 9.74 -19.48
CA PHE A 47 16.35 9.23 -19.15
C PHE A 47 15.33 9.55 -20.26
N LEU A 48 15.41 10.74 -20.85
CA LEU A 48 14.48 11.10 -21.91
C LEU A 48 14.67 10.19 -23.13
N ALA A 49 15.92 9.93 -23.49
CA ALA A 49 16.26 9.06 -24.62
C ALA A 49 15.81 7.61 -24.40
N GLY A 51 13.30 7.12 -22.66
CA GLY A 51 11.87 7.32 -22.54
C GLY A 51 11.34 7.08 -21.13
N LYS A 52 12.16 7.32 -20.11
CA LYS A 52 11.71 7.14 -18.72
C LYS A 52 11.42 8.49 -18.07
N SER A 53 10.24 9.04 -18.35
CA SER A 53 9.88 10.39 -17.91
C SER A 53 9.74 10.52 -16.39
N LYS A 54 9.32 9.45 -15.74
CA LYS A 54 9.24 9.43 -14.28
C LYS A 54 10.59 9.79 -13.68
N ALA A 55 11.67 9.30 -14.28
CA ALA A 55 13.03 9.55 -13.82
C ALA A 55 13.58 10.90 -14.27
N ALA A 56 13.21 11.33 -15.48
CA ALA A 56 13.67 12.60 -16.02
C ALA A 56 13.14 13.81 -15.26
N LEU A 57 11.85 13.78 -14.90
CA LEU A 57 11.20 14.94 -14.29
C LEU A 57 11.96 15.51 -13.06
N PRO A 58 12.20 14.69 -12.03
CA PRO A 58 12.94 15.30 -10.90
C PRO A 58 14.25 15.98 -11.30
N ASP A 59 14.97 15.44 -12.28
CA ASP A 59 16.20 16.10 -12.74
C ASP A 59 15.92 17.38 -13.52
N LEU A 60 14.88 17.37 -14.33
CA LEU A 60 14.48 18.56 -15.06
C LEU A 60 14.13 19.68 -14.09
N THR A 61 13.29 19.38 -13.10
CA THR A 61 12.92 20.42 -12.14
C THR A 61 14.09 20.81 -11.24
N LYS A 62 15.02 19.91 -11.01
CA LYS A 62 16.23 20.29 -10.30
C LYS A 62 17.00 21.35 -11.10
N VAL A 63 17.18 21.11 -12.39
CA VAL A 63 17.93 22.04 -13.22
C VAL A 63 17.30 23.41 -13.16
N ILE A 64 15.98 23.44 -13.28
CA ILE A 64 15.25 24.68 -13.30
C ILE A 64 15.41 25.38 -11.96
N ALA A 65 15.33 24.63 -10.87
CA ALA A 65 15.54 25.19 -9.53
C ALA A 65 16.90 25.90 -9.43
N LEU A 66 17.93 25.30 -10.01
CA LEU A 66 19.29 25.84 -10.00
C LEU A 66 19.52 26.94 -11.02
N LYS A 67 18.81 26.88 -12.14
CA LYS A 67 19.10 27.75 -13.25
C LYS A 67 17.82 28.10 -13.98
N ASP A 69 16.81 30.43 -15.96
CA ASP A 69 16.83 30.83 -17.36
C ASP A 69 17.18 29.68 -18.33
N PHE A 70 17.43 28.48 -17.81
CA PHE A 70 17.86 27.36 -18.65
C PHE A 70 16.71 26.86 -19.49
N THR A 71 16.49 27.54 -20.60
CA THR A 71 15.29 27.35 -21.36
C THR A 71 15.02 25.91 -21.86
N ALA A 72 16.06 25.20 -22.30
CA ALA A 72 15.91 23.84 -22.84
C ALA A 72 15.29 22.84 -21.86
N ALA A 73 15.68 22.92 -20.59
CA ALA A 73 15.18 22.02 -19.57
C ALA A 73 13.72 22.30 -19.25
N ARG A 74 13.35 23.57 -19.25
CA ARG A 74 11.98 23.96 -18.99
C ARG A 74 11.07 23.55 -20.14
N LEU A 75 11.55 23.70 -21.36
CA LEU A 75 10.77 23.25 -22.50
C LEU A 75 10.44 21.76 -22.35
N GLN A 76 11.44 20.96 -21.97
CA GLN A 76 11.25 19.51 -21.81
C GLN A 76 10.24 19.18 -20.71
N ARG A 77 10.32 19.87 -19.58
CA ARG A 77 9.35 19.65 -18.50
C ARG A 77 7.94 19.98 -18.94
N GLY A 78 7.79 21.08 -19.68
CA GLY A 78 6.52 21.46 -20.29
C GLY A 78 5.90 20.34 -21.11
N HIS A 79 6.71 19.66 -21.90
CA HIS A 79 6.23 18.50 -22.65
C HIS A 79 5.64 17.41 -21.74
N LEU A 80 6.36 17.09 -20.66
CA LEU A 80 5.96 15.99 -19.79
C LEU A 80 4.69 16.37 -19.05
N LEU A 81 4.63 17.61 -18.55
CA LEU A 81 3.43 18.12 -17.87
C LEU A 81 2.19 18.08 -18.77
N LEU A 82 2.30 18.54 -20.01
CA LEU A 82 1.18 18.44 -20.93
C LEU A 82 0.70 17.00 -21.09
N LYS A 83 1.64 16.05 -21.20
CA LYS A 83 1.28 14.64 -21.31
C LYS A 83 0.60 14.12 -20.04
N GLN A 84 1.00 14.67 -18.90
CA GLN A 84 0.40 14.29 -17.63
C GLN A 84 -0.97 14.97 -17.42
N GLY A 85 -1.34 15.88 -18.31
CA GLY A 85 -2.59 16.63 -18.19
C GLY A 85 -2.56 17.71 -17.12
N LYS A 86 -1.35 18.06 -16.67
CA LYS A 86 -1.17 19.20 -15.77
C LYS A 86 -1.14 20.46 -16.63
N LEU A 87 -2.32 20.88 -17.09
CA LEU A 87 -2.42 21.91 -18.11
C LEU A 87 -1.97 23.29 -17.66
N ASP A 88 -2.36 23.68 -16.46
CA ASP A 88 -1.94 24.97 -15.92
C ASP A 88 -0.43 25.08 -15.78
N GLU A 89 0.20 24.04 -15.25
CA GLU A 89 1.64 24.03 -15.07
C GLU A 89 2.40 23.92 -16.39
N ALA A 90 1.80 23.24 -17.36
CA ALA A 90 2.39 23.14 -18.69
C ALA A 90 2.46 24.52 -19.33
N GLU A 91 1.31 25.19 -19.42
CA GLU A 91 1.20 26.51 -20.00
C GLU A 91 2.17 27.46 -19.30
N ASP A 92 2.23 27.39 -17.97
CA ASP A 92 3.14 28.21 -17.21
C ASP A 92 4.57 28.01 -17.69
N ASP A 93 4.99 26.76 -17.85
CA ASP A 93 6.34 26.43 -18.34
C ASP A 93 6.60 26.91 -19.76
N PHE A 94 5.69 26.59 -20.68
CA PHE A 94 5.82 27.06 -22.06
C PHE A 94 5.86 28.58 -22.13
N LYS A 95 4.96 29.24 -21.40
CA LYS A 95 4.93 30.70 -21.39
C LYS A 95 6.27 31.29 -20.89
N LYS A 96 6.84 30.73 -19.82
CA LYS A 96 8.11 31.22 -19.30
C LYS A 96 9.30 30.97 -20.25
N VAL A 97 9.21 29.89 -21.03
CA VAL A 97 10.16 29.58 -22.09
C VAL A 97 10.19 30.74 -23.11
N LEU A 98 9.01 31.19 -23.51
CA LEU A 98 8.89 32.29 -24.47
C LEU A 98 9.58 33.57 -23.98
N LYS A 99 9.70 33.72 -22.67
CA LYS A 99 10.24 34.94 -22.07
C LYS A 99 11.63 34.76 -21.43
N SER A 100 12.34 33.72 -21.84
CA SER A 100 13.69 33.48 -21.34
C SER A 100 14.69 33.37 -22.51
N ASN A 101 14.39 34.12 -23.58
CA ASN A 101 15.15 34.14 -24.83
C ASN A 101 15.33 32.76 -25.45
N PRO A 102 14.24 32.17 -25.95
CA PRO A 102 14.32 30.85 -26.56
C PRO A 102 15.09 30.92 -27.85
N SER A 103 15.73 29.81 -28.22
CA SER A 103 16.28 29.69 -29.55
C SER A 103 15.08 29.65 -30.45
N GLU A 104 15.31 29.87 -31.74
CA GLU A 104 14.22 29.82 -32.71
C GLU A 104 13.40 28.52 -32.60
N GLN A 105 14.09 27.38 -32.53
CA GLN A 105 13.44 26.07 -32.45
C GLN A 105 12.59 25.91 -31.19
N GLU A 106 13.17 26.30 -30.05
CA GLU A 106 12.47 26.34 -28.79
C GLU A 106 11.24 27.26 -28.81
N GLU A 107 11.36 28.43 -29.45
CA GLU A 107 10.23 29.34 -29.59
C GLU A 107 9.06 28.70 -30.34
N LYS A 108 9.33 28.07 -31.49
CA LYS A 108 8.27 27.43 -32.29
C LYS A 108 7.60 26.27 -31.55
N GLU A 109 8.41 25.43 -30.90
CA GLU A 109 7.94 24.29 -30.10
C GLU A 109 7.00 24.75 -28.96
N ALA A 110 7.38 25.81 -28.24
CA ALA A 110 6.59 26.34 -27.15
C ALA A 110 5.29 27.00 -27.59
N GLU A 111 5.31 27.71 -28.72
CA GLU A 111 4.08 28.31 -29.27
C GLU A 111 3.12 27.22 -29.74
N SER A 112 3.70 26.20 -30.35
CA SER A 112 2.95 25.05 -30.82
C SER A 112 2.28 24.31 -29.64
N GLN A 113 3.00 24.19 -28.52
CA GLN A 113 2.49 23.52 -27.35
C GLN A 113 1.47 24.37 -26.57
N LEU A 114 1.54 25.70 -26.71
CA LEU A 114 0.56 26.59 -26.07
C LEU A 114 -0.77 26.59 -26.79
N VAL A 115 -0.73 26.43 -28.12
CA VAL A 115 -1.97 26.31 -28.88
C VAL A 115 -2.68 25.04 -28.42
N LYS A 116 -1.92 23.94 -28.35
CA LYS A 116 -2.47 22.65 -28.02
C LYS A 116 -2.95 22.52 -26.57
N ALA A 117 -2.23 23.11 -25.63
CA ALA A 117 -2.61 23.10 -24.22
C ALA A 117 -3.96 23.78 -24.03
N ASP A 118 -4.10 24.91 -24.71
CA ASP A 118 -5.31 25.69 -24.67
C ASP A 118 -6.51 24.95 -25.28
N GLU A 119 -6.28 24.16 -26.32
CA GLU A 119 -7.29 23.24 -26.81
C GLU A 119 -7.72 22.25 -25.70
N GLN A 121 -7.32 22.53 -22.54
CA GLN A 121 -7.86 23.29 -21.42
C GLN A 121 -9.37 23.57 -21.65
N ARG A 122 -9.72 23.82 -22.89
CA ARG A 122 -11.09 24.06 -23.33
C ARG A 122 -11.88 22.75 -23.33
N LEU A 123 -11.24 21.67 -23.78
CA LEU A 123 -11.86 20.35 -23.84
C LEU A 123 -12.10 19.78 -22.44
N ARG A 124 -11.23 20.11 -21.51
CA ARG A 124 -11.36 19.66 -20.14
C ARG A 124 -12.63 20.25 -19.51
N SER A 125 -12.84 21.56 -19.67
CA SER A 125 -14.08 22.21 -19.21
C SER A 125 -15.32 21.54 -19.77
N GLN A 126 -15.34 21.32 -21.09
CA GLN A 126 -16.43 20.64 -21.76
C GLN A 126 -16.67 19.21 -21.25
N ALA A 127 -15.59 18.50 -20.93
CA ALA A 127 -15.66 17.16 -20.39
C ALA A 127 -16.22 17.16 -18.97
N LEU A 128 -15.66 17.98 -18.09
CA LEU A 128 -16.12 18.10 -16.72
C LEU A 128 -17.54 18.62 -16.67
N ASP A 129 -17.85 19.59 -17.54
CA ASP A 129 -19.18 20.16 -17.62
C ASP A 129 -20.22 19.13 -18.01
N ALA A 130 -19.92 18.33 -19.04
CA ALA A 130 -20.86 17.32 -19.52
C ALA A 130 -21.10 16.24 -18.45
N PHE A 131 -20.04 15.87 -17.75
CA PHE A 131 -20.13 14.92 -16.65
C PHE A 131 -21.00 15.45 -15.50
N ASP A 132 -20.74 16.67 -15.03
CA ASP A 132 -21.57 17.27 -13.99
C ASP A 132 -23.03 17.35 -14.40
N GLY A 133 -23.27 17.45 -15.71
CA GLY A 133 -24.64 17.52 -16.24
C GLY A 133 -25.18 16.14 -16.56
N ALA A 134 -24.50 15.11 -16.04
CA ALA A 134 -24.85 13.71 -16.26
C ALA A 134 -25.07 13.36 -17.72
N ASP A 135 -24.33 14.02 -18.60
CA ASP A 135 -24.31 13.63 -20.00
C ASP A 135 -23.06 12.82 -20.32
N TYR A 136 -23.12 11.52 -20.04
CA TYR A 136 -21.95 10.66 -20.03
C TYR A 136 -21.41 10.39 -21.41
N THR A 137 -22.29 10.29 -22.40
CA THR A 137 -21.83 10.11 -23.78
C THR A 137 -21.15 11.35 -24.34
N ALA A 138 -21.65 12.53 -24.01
CA ALA A 138 -20.97 13.76 -24.40
C ALA A 138 -19.60 13.82 -23.75
N ALA A 139 -19.54 13.54 -22.45
CA ALA A 139 -18.28 13.49 -21.73
C ALA A 139 -17.26 12.55 -22.38
N ILE A 140 -17.65 11.32 -22.73
CA ILE A 140 -16.67 10.39 -23.31
C ILE A 140 -16.03 10.99 -24.55
N THR A 141 -16.85 11.61 -25.40
CA THR A 141 -16.39 12.23 -26.64
C THR A 141 -15.22 13.17 -26.36
N PHE A 142 -15.42 14.07 -25.40
CA PHE A 142 -14.40 15.03 -25.04
C PHE A 142 -13.20 14.35 -24.42
N LEU A 143 -13.44 13.37 -23.55
CA LEU A 143 -12.33 12.67 -22.90
C LEU A 143 -11.53 11.88 -23.89
N ASP A 144 -12.19 11.30 -24.87
CA ASP A 144 -11.49 10.60 -25.96
C ASP A 144 -10.44 11.50 -26.58
N LYS A 145 -10.86 12.72 -26.97
CA LYS A 145 -9.96 13.71 -27.53
C LYS A 145 -8.83 14.09 -26.59
N ILE A 146 -9.17 14.46 -25.35
CA ILE A 146 -8.15 14.83 -24.40
C ILE A 146 -7.13 13.70 -24.22
N LEU A 147 -7.59 12.48 -24.00
CA LEU A 147 -6.67 11.39 -23.66
C LEU A 147 -5.72 10.96 -24.79
N GLU A 148 -5.98 11.44 -26.01
CA GLU A 148 -5.06 11.24 -27.14
C GLU A 148 -3.77 12.00 -26.91
N VAL A 149 -3.87 13.15 -26.24
CA VAL A 149 -2.72 13.99 -26.01
C VAL A 149 -2.22 13.81 -24.59
N CYS A 150 -3.12 13.92 -23.61
CA CYS A 150 -2.74 13.79 -22.22
C CYS A 150 -2.86 12.33 -21.83
N VAL A 151 -1.88 11.55 -22.28
CA VAL A 151 -1.92 10.10 -22.20
C VAL A 151 -1.58 9.57 -20.80
N TRP A 152 -0.94 10.38 -19.98
CA TRP A 152 -0.57 9.98 -18.63
C TRP A 152 -1.44 10.67 -17.57
N ASP A 153 -2.57 11.22 -18.02
CA ASP A 153 -3.53 11.83 -17.12
C ASP A 153 -4.39 10.72 -16.50
N ALA A 154 -4.03 10.33 -15.28
CA ALA A 154 -4.71 9.22 -14.63
C ALA A 154 -6.15 9.54 -14.27
N GLU A 155 -6.39 10.75 -13.77
CA GLU A 155 -7.71 11.08 -13.23
C GLU A 155 -8.78 11.22 -14.32
N LEU A 156 -8.41 11.74 -15.49
CA LEU A 156 -9.35 11.87 -16.61
C LEU A 156 -9.67 10.51 -17.21
N ARG A 157 -8.68 9.63 -17.16
CA ARG A 157 -8.86 8.21 -17.43
C ARG A 157 -9.92 7.59 -16.53
N GLU A 158 -9.78 7.84 -15.23
CA GLU A 158 -10.74 7.31 -14.27
C GLU A 158 -12.12 7.95 -14.44
N LEU A 159 -12.16 9.22 -14.82
CA LEU A 159 -13.42 9.90 -15.09
C LEU A 159 -14.14 9.30 -16.30
N ARG A 160 -13.40 8.97 -17.34
CA ARG A 160 -13.98 8.26 -18.49
C ARG A 160 -14.52 6.90 -18.07
N ALA A 161 -13.82 6.24 -17.15
CA ALA A 161 -14.28 4.96 -16.62
C ALA A 161 -15.64 5.12 -15.93
N GLU A 162 -15.76 6.15 -15.10
CA GLU A 162 -17.04 6.49 -14.48
C GLU A 162 -18.11 6.60 -15.54
N CYS A 163 -17.78 7.23 -16.66
CA CYS A 163 -18.78 7.39 -17.72
C CYS A 163 -19.23 6.03 -18.20
N PHE A 164 -18.26 5.15 -18.37
CA PHE A 164 -18.54 3.85 -18.91
C PHE A 164 -19.38 3.03 -17.96
N ILE A 165 -19.10 3.09 -16.65
CA ILE A 165 -19.95 2.35 -15.73
C ILE A 165 -21.39 2.88 -15.77
N LYS A 166 -21.56 4.19 -15.77
CA LYS A 166 -22.88 4.82 -15.86
C LYS A 166 -23.58 4.45 -17.16
N GLU A 167 -22.80 4.26 -18.21
CA GLU A 167 -23.37 3.99 -19.51
C GLU A 167 -23.65 2.50 -19.66
N GLY A 168 -23.51 1.77 -18.55
CA GLY A 168 -23.71 0.32 -18.54
C GLY A 168 -22.67 -0.43 -19.36
N GLU A 169 -21.41 0.01 -19.31
CA GLU A 169 -20.33 -0.64 -20.04
C GLU A 169 -19.18 -1.01 -19.10
N PRO A 170 -19.46 -1.90 -18.11
CA PRO A 170 -18.46 -2.18 -17.08
C PRO A 170 -17.13 -2.71 -17.58
N ARG A 171 -17.12 -3.51 -18.64
CA ARG A 171 -15.86 -4.05 -19.16
C ARG A 171 -14.98 -2.96 -19.74
N LYS A 172 -15.58 -1.91 -20.28
CA LYS A 172 -14.80 -0.80 -20.79
C LYS A 172 -14.21 -0.03 -19.63
N ALA A 173 -15.01 0.13 -18.58
CA ALA A 173 -14.57 0.79 -17.36
C ALA A 173 -13.40 0.06 -16.70
N ILE A 174 -13.50 -1.26 -16.54
CA ILE A 174 -12.38 -2.05 -15.99
C ILE A 174 -11.09 -1.75 -16.74
N SER A 175 -11.19 -1.67 -18.06
CA SER A 175 -10.03 -1.45 -18.90
C SER A 175 -9.39 -0.09 -18.68
N ASP A 176 -10.20 0.95 -18.60
CA ASP A 176 -9.71 2.28 -18.30
C ASP A 176 -9.09 2.38 -16.92
N LEU A 177 -9.70 1.68 -15.95
CA LEU A 177 -9.18 1.67 -14.59
C LEU A 177 -7.86 0.90 -14.49
N LYS A 178 -7.73 -0.16 -15.27
CA LYS A 178 -6.47 -0.91 -15.32
C LYS A 178 -5.38 -0.04 -15.92
N ALA A 179 -5.68 0.62 -17.04
CA ALA A 179 -4.73 1.54 -17.66
C ALA A 179 -4.30 2.61 -16.65
N ALA A 180 -5.27 3.22 -15.98
CA ALA A 180 -5.04 4.26 -14.97
C ALA A 180 -4.14 3.80 -13.83
N SER A 181 -4.25 2.53 -13.46
CA SER A 181 -3.50 1.96 -12.34
C SER A 181 -2.01 1.84 -12.67
N LYS A 182 -1.71 1.64 -13.94
CA LYS A 182 -0.33 1.61 -14.42
C LYS A 182 0.36 2.99 -14.41
N LEU A 183 -0.42 4.06 -14.23
CA LEU A 183 0.11 5.42 -14.31
C LEU A 183 0.31 6.04 -12.95
N LYS A 184 -0.45 5.52 -11.97
CA LYS A 184 -0.46 6.03 -10.60
C LYS A 184 0.03 4.90 -9.67
N SER A 185 0.56 5.25 -8.49
CA SER A 185 0.94 4.24 -7.50
C SER A 185 -0.25 3.95 -6.54
N ASP A 186 -0.81 5.00 -5.94
CA ASP A 186 -1.99 4.87 -5.09
C ASP A 186 -3.18 4.31 -5.90
N ASN A 187 -3.31 2.98 -5.89
CA ASN A 187 -4.23 2.27 -6.78
C ASN A 187 -5.37 1.59 -6.05
N THR A 188 -5.37 1.74 -4.74
CA THR A 188 -6.28 1.03 -3.87
C THR A 188 -7.75 1.19 -4.26
N GLU A 189 -8.11 2.42 -4.59
CA GLU A 189 -9.48 2.80 -4.90
C GLU A 189 -9.88 2.26 -6.28
N ALA A 190 -8.92 2.21 -7.20
CA ALA A 190 -9.16 1.70 -8.54
C ALA A 190 -9.29 0.18 -8.53
N PHE A 191 -8.39 -0.49 -7.82
CA PHE A 191 -8.46 -1.94 -7.63
C PHE A 191 -9.78 -2.30 -6.95
N TYR A 192 -10.20 -1.52 -5.96
CA TYR A 192 -11.48 -1.78 -5.33
C TYR A 192 -12.62 -1.73 -6.33
N LYS A 193 -12.56 -0.76 -7.22
CA LYS A 193 -13.64 -0.48 -8.15
C LYS A 193 -13.74 -1.57 -9.20
N ILE A 194 -12.58 -1.99 -9.73
CA ILE A 194 -12.59 -3.07 -10.70
C ILE A 194 -13.09 -4.40 -10.09
N SER A 195 -12.75 -4.64 -8.83
CA SER A 195 -13.14 -5.86 -8.12
C SER A 195 -14.64 -5.91 -7.98
N THR A 196 -15.19 -4.76 -7.63
CA THR A 196 -16.63 -4.52 -7.57
C THR A 196 -17.30 -4.77 -8.92
N LEU A 197 -16.69 -4.30 -9.99
CA LEU A 197 -17.32 -4.38 -11.30
C LEU A 197 -17.34 -5.83 -11.77
N TYR A 198 -16.25 -6.54 -11.53
CA TYR A 198 -16.21 -7.97 -11.78
C TYR A 198 -17.32 -8.67 -11.00
N TYR A 199 -17.50 -8.28 -9.74
CA TYR A 199 -18.50 -8.90 -8.87
C TYR A 199 -19.86 -8.77 -9.51
N GLN A 200 -20.29 -7.54 -9.79
CA GLN A 200 -21.56 -7.28 -10.45
C GLN A 200 -21.66 -8.05 -11.76
N LEU A 201 -20.53 -8.26 -12.42
CA LEU A 201 -20.53 -9.01 -13.69
C LEU A 201 -20.72 -10.51 -13.51
N GLY A 202 -20.48 -11.01 -12.30
CA GLY A 202 -20.53 -12.44 -12.08
C GLY A 202 -19.17 -13.12 -12.10
N ASP A 203 -18.14 -12.36 -12.43
CA ASP A 203 -16.77 -12.88 -12.42
C ASP A 203 -16.17 -12.93 -11.00
N HIS A 204 -16.70 -13.83 -10.20
CA HIS A 204 -16.30 -13.94 -8.81
C HIS A 204 -14.82 -14.18 -8.60
N GLU A 205 -14.20 -14.95 -9.50
CA GLU A 205 -12.80 -15.27 -9.31
C GLU A 205 -11.85 -14.08 -9.50
N LEU A 206 -12.02 -13.36 -10.61
CA LEU A 206 -11.22 -12.17 -10.87
C LEU A 206 -11.50 -11.09 -9.84
N SER A 207 -12.77 -10.95 -9.45
CA SER A 207 -13.16 -10.09 -8.34
C SER A 207 -12.33 -10.37 -7.08
N LEU A 208 -12.19 -11.65 -6.75
CA LEU A 208 -11.44 -12.08 -5.56
C LEU A 208 -9.97 -11.70 -5.66
N SER A 209 -9.32 -12.04 -6.76
CA SER A 209 -7.88 -11.79 -6.90
C SER A 209 -7.61 -10.31 -7.10
N GLU A 210 -8.61 -9.60 -7.57
CA GLU A 210 -8.49 -8.18 -7.75
C GLU A 210 -8.59 -7.46 -6.40
N VAL A 211 -9.47 -7.96 -5.53
CA VAL A 211 -9.55 -7.40 -4.19
C VAL A 211 -8.29 -7.75 -3.36
N ARG A 212 -7.62 -8.84 -3.75
CA ARG A 212 -6.38 -9.25 -3.09
C ARG A 212 -5.28 -8.25 -3.39
N GLU A 213 -5.22 -7.80 -4.63
CA GLU A 213 -4.30 -6.75 -5.03
C GLU A 213 -4.52 -5.49 -4.18
N CYS A 214 -5.78 -5.14 -3.95
CA CYS A 214 -6.11 -4.01 -3.09
C CYS A 214 -5.52 -4.19 -1.68
N LEU A 215 -5.83 -5.33 -1.06
CA LEU A 215 -5.39 -5.60 0.30
C LEU A 215 -3.87 -5.73 0.43
N LYS A 216 -3.22 -6.11 -0.67
CA LYS A 216 -1.77 -6.21 -0.73
C LYS A 216 -1.11 -4.82 -0.61
N LEU A 217 -1.79 -3.79 -1.13
CA LEU A 217 -1.29 -2.41 -1.06
C LEU A 217 -1.63 -1.76 0.27
N ASP A 218 -2.79 -2.12 0.81
CA ASP A 218 -3.24 -1.59 2.09
C ASP A 218 -4.11 -2.64 2.76
N GLN A 219 -3.54 -3.32 3.76
CA GLN A 219 -4.23 -4.42 4.45
C GLN A 219 -5.43 -3.94 5.25
N ASP A 220 -5.40 -2.69 5.68
CA ASP A 220 -6.45 -2.16 6.55
C ASP A 220 -7.62 -1.51 5.80
N HIS A 221 -7.55 -1.48 4.47
CA HIS A 221 -8.61 -0.88 3.66
C HIS A 221 -9.98 -1.47 4.00
N LYS A 222 -10.77 -0.71 4.78
CA LYS A 222 -12.03 -1.22 5.32
C LYS A 222 -13.02 -1.74 4.28
N ARG A 223 -13.25 -0.96 3.22
CA ARG A 223 -14.18 -1.37 2.17
C ARG A 223 -13.67 -2.57 1.39
N CYS A 224 -12.37 -2.58 1.10
CA CYS A 224 -11.76 -3.69 0.39
C CYS A 224 -11.83 -4.96 1.21
N PHE A 225 -11.72 -4.82 2.53
CA PHE A 225 -11.75 -5.97 3.41
C PHE A 225 -13.16 -6.53 3.53
N ALA A 226 -14.15 -5.67 3.72
CA ALA A 226 -15.55 -6.10 3.85
C ALA A 226 -16.03 -6.86 2.61
N HIS A 227 -15.55 -6.41 1.45
CA HIS A 227 -15.90 -7.03 0.19
C HIS A 227 -15.14 -8.35 0.00
N TYR A 228 -13.89 -8.39 0.43
CA TYR A 228 -13.07 -9.63 0.45
C TYR A 228 -13.80 -10.77 1.15
N LYS A 229 -14.37 -10.47 2.30
CA LYS A 229 -15.07 -11.49 3.09
C LYS A 229 -16.27 -12.03 2.34
N GLN A 230 -16.95 -11.14 1.60
CA GLN A 230 -18.11 -11.52 0.80
C GLN A 230 -17.73 -12.38 -0.41
N VAL A 231 -16.79 -11.92 -1.23
CA VAL A 231 -16.37 -12.71 -2.40
C VAL A 231 -15.70 -13.99 -1.99
N LYS A 232 -14.86 -13.95 -0.95
CA LYS A 232 -14.15 -15.15 -0.49
C LYS A 232 -15.16 -16.28 -0.23
N LYS A 233 -16.20 -15.97 0.56
CA LYS A 233 -17.28 -16.91 0.86
C LYS A 233 -18.06 -17.33 -0.39
N LEU A 234 -18.52 -16.35 -1.16
CA LEU A 234 -19.29 -16.62 -2.35
C LEU A 234 -18.48 -17.47 -3.32
N ASN A 235 -17.17 -17.25 -3.35
CA ASN A 235 -16.31 -17.98 -4.24
C ASN A 235 -16.02 -19.41 -3.79
N LYS A 236 -15.87 -19.62 -2.48
CA LYS A 236 -15.64 -20.97 -1.93
C LYS A 236 -16.85 -21.83 -2.20
N LEU A 237 -18.03 -21.27 -1.95
CA LEU A 237 -19.29 -21.95 -2.19
C LEU A 237 -19.42 -22.45 -3.63
N ILE A 238 -19.13 -21.60 -4.60
CA ILE A 238 -19.20 -21.98 -6.01
C ILE A 238 -18.13 -23.03 -6.34
N GLU A 239 -16.97 -22.89 -5.73
CA GLU A 239 -15.88 -23.85 -5.92
C GLU A 239 -16.28 -25.20 -5.35
N SER A 240 -16.96 -25.16 -4.20
CA SER A 240 -17.47 -26.39 -3.59
C SER A 240 -18.51 -27.06 -4.45
N ALA A 241 -19.44 -26.27 -4.99
CA ALA A 241 -20.51 -26.78 -5.81
C ALA A 241 -19.99 -27.48 -7.06
N GLU A 242 -19.07 -26.81 -7.76
CA GLU A 242 -18.45 -27.37 -8.96
C GLU A 242 -17.62 -28.62 -8.65
N GLU A 243 -17.05 -28.64 -7.46
CA GLU A 243 -16.35 -29.81 -6.99
C GLU A 243 -17.35 -30.96 -6.74
N LEU A 244 -18.47 -30.64 -6.11
CA LEU A 244 -19.49 -31.63 -5.90
C LEU A 244 -20.05 -32.17 -7.23
N ILE A 245 -20.31 -31.31 -8.22
CA ILE A 245 -20.86 -31.84 -9.48
C ILE A 245 -19.84 -32.72 -10.21
N ARG A 246 -18.56 -32.45 -10.00
CA ARG A 246 -17.50 -33.26 -10.57
C ARG A 246 -17.53 -34.74 -10.08
N ASP A 247 -17.92 -34.92 -8.83
CA ASP A 247 -17.95 -36.25 -8.22
C ASP A 247 -19.33 -36.89 -8.25
N GLY A 248 -20.25 -36.34 -9.03
CA GLY A 248 -21.60 -36.90 -9.12
C GLY A 248 -22.48 -36.69 -7.90
N ARG A 249 -22.05 -35.83 -6.98
CA ARG A 249 -22.84 -35.57 -5.77
C ARG A 249 -23.88 -34.48 -6.00
N TYR A 250 -24.88 -34.79 -6.83
CA TYR A 250 -25.82 -33.78 -7.35
C TYR A 250 -26.73 -33.12 -6.32
N THR A 251 -27.20 -33.89 -5.36
CA THR A 251 -28.10 -33.31 -4.37
C THR A 251 -27.34 -32.40 -3.39
N ASP A 252 -26.09 -32.71 -3.10
CA ASP A 252 -25.26 -31.81 -2.29
C ASP A 252 -24.85 -30.55 -3.06
N ALA A 253 -24.62 -30.69 -4.36
CA ALA A 253 -24.38 -29.55 -5.24
C ALA A 253 -25.60 -28.62 -5.32
N THR A 254 -26.78 -29.20 -5.44
CA THR A 254 -28.01 -28.42 -5.45
C THR A 254 -28.06 -27.58 -4.18
N SER A 255 -28.04 -28.27 -3.05
CA SER A 255 -27.90 -27.69 -1.74
C SER A 255 -26.84 -26.57 -1.71
N LYS A 256 -25.66 -26.83 -2.23
CA LYS A 256 -24.60 -25.83 -2.30
C LYS A 256 -24.97 -24.59 -3.12
N TYR A 257 -25.50 -24.77 -4.32
CA TYR A 257 -25.93 -23.62 -5.11
C TYR A 257 -27.11 -22.87 -4.48
N GLU A 258 -27.89 -23.58 -3.68
CA GLU A 258 -28.99 -22.97 -2.95
C GLU A 258 -28.42 -21.89 -2.03
N SER A 259 -27.35 -22.22 -1.33
CA SER A 259 -26.75 -21.26 -0.42
C SER A 259 -25.97 -20.17 -1.16
N VAL A 260 -25.47 -20.49 -2.36
CA VAL A 260 -24.86 -19.48 -3.23
C VAL A 260 -25.83 -18.34 -3.54
N LYS A 262 -28.49 -17.69 -1.65
CA LYS A 262 -28.76 -17.10 -0.35
C LYS A 262 -27.75 -15.98 -0.11
N THR A 263 -26.45 -16.31 -0.20
CA THR A 263 -25.40 -15.37 0.14
C THR A 263 -25.16 -14.23 -0.87
N GLU A 264 -25.75 -14.34 -2.05
CA GLU A 264 -25.83 -13.20 -2.98
C GLU A 264 -27.13 -13.16 -3.77
N PRO A 265 -28.21 -12.63 -3.17
CA PRO A 265 -29.54 -12.61 -3.79
C PRO A 265 -29.80 -11.41 -4.70
N SER A 266 -28.97 -10.37 -4.57
CA SER A 266 -29.18 -9.11 -5.30
C SER A 266 -28.71 -9.16 -6.76
N VAL A 267 -27.48 -9.64 -6.98
CA VAL A 267 -26.88 -9.64 -8.31
C VAL A 267 -27.46 -10.78 -9.13
N ALA A 268 -28.30 -10.42 -10.11
CA ALA A 268 -29.07 -11.39 -10.91
C ALA A 268 -28.25 -12.55 -11.49
N GLU A 269 -27.03 -12.24 -11.92
CA GLU A 269 -26.16 -13.22 -12.54
C GLU A 269 -25.88 -14.44 -11.66
N TYR A 270 -25.85 -14.25 -10.34
CA TYR A 270 -25.54 -15.36 -9.45
C TYR A 270 -26.73 -16.30 -9.26
N THR A 271 -27.95 -15.78 -9.29
CA THR A 271 -29.10 -16.69 -9.26
C THR A 271 -29.24 -17.41 -10.61
N VAL A 272 -29.17 -16.67 -11.71
CA VAL A 272 -29.31 -17.24 -13.07
C VAL A 272 -28.30 -18.35 -13.33
N ARG A 273 -27.04 -18.09 -12.98
CA ARG A 273 -25.97 -19.05 -13.19
C ARG A 273 -26.14 -20.24 -12.25
N SER A 274 -26.56 -19.97 -11.01
CA SER A 274 -26.83 -21.02 -10.04
C SER A 274 -27.98 -21.91 -10.47
N LYS A 275 -29.05 -21.30 -10.96
CA LYS A 275 -30.19 -22.04 -11.47
C LYS A 275 -29.78 -22.95 -12.62
N GLU A 276 -28.96 -22.42 -13.53
CA GLU A 276 -28.46 -23.22 -14.65
C GLU A 276 -27.75 -24.51 -14.15
N ARG A 277 -26.86 -24.36 -13.18
CA ARG A 277 -26.14 -25.50 -12.63
C ARG A 277 -27.08 -26.44 -11.85
N ILE A 278 -28.10 -25.88 -11.20
CA ILE A 278 -29.09 -26.71 -10.52
C ILE A 278 -29.88 -27.50 -11.56
N CYS A 279 -30.24 -26.85 -12.65
CA CYS A 279 -30.85 -27.51 -13.80
C CYS A 279 -29.99 -28.71 -14.25
N HIS A 280 -28.68 -28.51 -14.27
CA HIS A 280 -27.72 -29.57 -14.58
C HIS A 280 -27.77 -30.68 -13.53
N CYS A 281 -27.81 -30.31 -12.26
CA CYS A 281 -27.84 -31.28 -11.17
C CYS A 281 -29.02 -32.23 -11.23
N PHE A 282 -30.23 -31.69 -11.31
CA PHE A 282 -31.42 -32.53 -11.42
C PHE A 282 -31.40 -33.44 -12.67
N SER A 283 -31.00 -32.89 -13.80
CA SER A 283 -30.85 -33.68 -15.03
C SER A 283 -29.95 -34.91 -14.85
N LYS A 284 -28.73 -34.68 -14.38
CA LYS A 284 -27.73 -35.74 -14.22
C LYS A 284 -28.05 -36.71 -13.08
N ASP A 285 -28.82 -36.26 -12.10
CA ASP A 285 -29.26 -37.10 -11.00
C ASP A 285 -30.50 -37.90 -11.42
N GLU A 286 -30.76 -37.88 -12.74
CA GLU A 286 -31.95 -38.48 -13.33
C GLU A 286 -33.22 -38.24 -12.51
N LYS A 287 -33.54 -36.96 -12.31
CA LYS A 287 -34.78 -36.55 -11.66
C LYS A 287 -35.58 -35.61 -12.58
N PRO A 288 -36.21 -36.19 -13.62
CA PRO A 288 -36.72 -35.47 -14.78
C PRO A 288 -37.78 -34.40 -14.53
N VAL A 289 -38.75 -34.68 -13.65
CA VAL A 289 -39.83 -33.71 -13.38
C VAL A 289 -39.26 -32.36 -12.94
N GLU A 290 -38.39 -32.39 -11.92
CA GLU A 290 -37.77 -31.17 -11.40
C GLU A 290 -36.84 -30.56 -12.43
N ALA A 291 -36.13 -31.41 -13.16
CA ALA A 291 -35.23 -30.97 -14.20
C ALA A 291 -35.93 -30.09 -15.23
N ILE A 292 -37.08 -30.55 -15.76
CA ILE A 292 -37.76 -29.77 -16.79
C ILE A 292 -38.35 -28.47 -16.24
N ARG A 293 -38.76 -28.45 -14.97
CA ARG A 293 -39.36 -27.25 -14.38
C ARG A 293 -38.36 -26.11 -14.34
N ILE A 294 -37.17 -26.38 -13.80
CA ILE A 294 -36.21 -25.30 -13.59
C ILE A 294 -35.31 -25.03 -14.78
N CYS A 295 -35.06 -26.04 -15.61
CA CYS A 295 -34.35 -25.78 -16.86
C CYS A 295 -35.20 -24.86 -17.74
N SER A 296 -36.53 -25.02 -17.65
CA SER A 296 -37.46 -24.11 -18.31
C SER A 296 -37.36 -22.69 -17.77
N GLU A 297 -37.29 -22.55 -16.46
CA GLU A 297 -37.12 -21.23 -15.84
C GLU A 297 -35.89 -20.54 -16.39
N VAL A 298 -34.74 -21.21 -16.31
CA VAL A 298 -33.50 -20.68 -16.87
C VAL A 298 -33.74 -20.26 -18.32
N LEU A 299 -34.42 -21.11 -19.09
CA LEU A 299 -34.66 -20.86 -20.50
C LEU A 299 -35.66 -19.72 -20.76
N GLN A 300 -36.56 -19.50 -19.81
CA GLN A 300 -37.42 -18.33 -19.88
C GLN A 300 -36.57 -17.08 -19.95
N GLU A 302 -33.10 -17.13 -20.48
CA GLU A 302 -32.06 -17.28 -21.50
C GLU A 302 -32.46 -18.31 -22.54
N PRO A 303 -33.33 -17.93 -23.49
CA PRO A 303 -33.83 -18.89 -24.48
C PRO A 303 -32.73 -19.63 -25.26
N ASP A 304 -31.52 -19.08 -25.29
CA ASP A 304 -30.43 -19.67 -26.08
C ASP A 304 -29.37 -20.44 -25.27
N ASN A 305 -29.57 -20.56 -23.96
CA ASN A 305 -28.63 -21.29 -23.08
C ASN A 305 -28.45 -22.75 -23.50
N VAL A 306 -27.33 -23.04 -24.15
CA VAL A 306 -27.05 -24.36 -24.70
C VAL A 306 -27.07 -25.46 -23.62
N ASN A 307 -26.41 -25.22 -22.49
CA ASN A 307 -26.36 -26.19 -21.37
C ASN A 307 -27.74 -26.58 -20.85
N ALA A 308 -28.61 -25.57 -20.70
CA ALA A 308 -29.98 -25.76 -20.23
C ALA A 308 -30.81 -26.54 -21.25
N LEU A 309 -30.58 -26.26 -22.53
CA LEU A 309 -31.24 -27.00 -23.60
C LEU A 309 -30.87 -28.48 -23.58
N LYS A 310 -29.57 -28.75 -23.52
CA LYS A 310 -29.06 -30.13 -23.49
C LYS A 310 -29.56 -30.89 -22.27
N ASP A 311 -29.55 -30.21 -21.12
CA ASP A 311 -29.95 -30.85 -19.87
C ASP A 311 -31.45 -31.10 -19.82
N ARG A 312 -32.25 -30.14 -20.31
CA ARG A 312 -33.69 -30.36 -20.44
C ARG A 312 -33.97 -31.48 -21.44
N ALA A 313 -33.27 -31.47 -22.57
CA ALA A 313 -33.34 -32.58 -23.51
C ALA A 313 -33.12 -33.91 -22.79
N GLU A 314 -31.95 -34.07 -22.17
CA GLU A 314 -31.67 -35.30 -21.44
C GLU A 314 -32.81 -35.70 -20.49
N ALA A 315 -33.47 -34.73 -19.88
CA ALA A 315 -34.58 -35.00 -18.98
C ALA A 315 -35.84 -35.46 -19.71
N TYR A 316 -36.07 -34.93 -20.92
CA TYR A 316 -37.22 -35.33 -21.74
C TYR A 316 -37.18 -36.79 -22.16
N LEU A 317 -35.97 -37.29 -22.41
CA LEU A 317 -35.73 -38.66 -22.81
C LEU A 317 -36.08 -39.69 -21.72
N ILE A 318 -35.78 -39.38 -20.47
CA ILE A 318 -36.20 -40.25 -19.37
C ILE A 318 -37.73 -40.30 -19.41
N GLU A 319 -38.35 -39.15 -19.57
CA GLU A 319 -39.80 -39.03 -19.70
C GLU A 319 -40.35 -39.55 -21.03
N GLU A 320 -39.49 -40.13 -21.86
CA GLU A 320 -39.89 -40.71 -23.15
C GLU A 320 -40.58 -39.71 -24.08
N TYR A 322 -39.78 -37.89 -26.65
CA TYR A 322 -38.74 -37.79 -27.67
C TYR A 322 -38.83 -36.55 -28.54
N ASP A 323 -40.06 -36.16 -28.91
CA ASP A 323 -40.34 -34.99 -29.74
C ASP A 323 -39.78 -33.70 -29.13
N GLU A 324 -39.97 -33.54 -27.82
CA GLU A 324 -39.50 -32.37 -27.09
C GLU A 324 -37.98 -32.38 -26.90
N ALA A 325 -37.43 -33.59 -26.77
CA ALA A 325 -36.00 -33.77 -26.61
C ALA A 325 -35.26 -33.34 -27.86
N ILE A 326 -35.72 -33.78 -29.04
CA ILE A 326 -35.04 -33.42 -30.29
C ILE A 326 -35.20 -31.93 -30.59
N GLN A 327 -36.38 -31.38 -30.30
CA GLN A 327 -36.67 -29.99 -30.52
C GLN A 327 -35.73 -29.08 -29.71
N ASP A 328 -35.40 -29.51 -28.49
CA ASP A 328 -34.43 -28.81 -27.66
C ASP A 328 -32.98 -28.95 -28.14
N TYR A 329 -32.60 -30.12 -28.66
CA TYR A 329 -31.26 -30.31 -29.24
C TYR A 329 -31.08 -29.46 -30.50
N GLU A 330 -32.11 -29.42 -31.34
CA GLU A 330 -32.11 -28.61 -32.56
C GLU A 330 -31.92 -27.12 -32.30
N ALA A 331 -32.56 -26.61 -31.25
CA ALA A 331 -32.40 -25.22 -30.81
C ALA A 331 -30.96 -24.95 -30.36
N ALA A 332 -30.37 -25.90 -29.63
CA ALA A 332 -29.00 -25.78 -29.17
C ALA A 332 -28.03 -25.85 -30.33
N GLN A 333 -28.28 -26.76 -31.27
CA GLN A 333 -27.41 -26.98 -32.43
C GLN A 333 -27.42 -25.78 -33.38
N GLU A 334 -28.52 -25.05 -33.38
CA GLU A 334 -28.72 -23.96 -34.33
C GLU A 334 -27.52 -23.01 -34.45
N HIS A 335 -26.97 -22.57 -33.33
CA HIS A 335 -25.77 -21.70 -33.35
C HIS A 335 -24.46 -22.45 -33.12
N ASN A 336 -24.55 -23.74 -32.83
CA ASN A 336 -23.37 -24.55 -32.57
C ASN A 336 -23.26 -25.72 -33.54
N GLU A 337 -23.24 -25.37 -34.82
CA GLU A 337 -23.24 -26.31 -35.95
C GLU A 337 -22.28 -27.49 -35.80
N ASN A 338 -21.08 -27.21 -35.28
CA ASN A 338 -19.99 -28.18 -35.27
C ASN A 338 -19.84 -28.95 -33.97
N ASP A 339 -20.50 -28.47 -32.91
CA ASP A 339 -20.36 -29.09 -31.59
C ASP A 339 -20.71 -30.57 -31.65
N GLN A 340 -19.71 -31.39 -31.39
CA GLN A 340 -19.82 -32.84 -31.44
C GLN A 340 -20.77 -33.38 -30.36
N GLN A 341 -20.84 -32.68 -29.23
CA GLN A 341 -21.63 -33.17 -28.11
C GLN A 341 -23.13 -33.05 -28.35
N ILE A 342 -23.56 -31.94 -28.96
CA ILE A 342 -24.96 -31.78 -29.33
C ILE A 342 -25.37 -32.87 -30.32
N ARG A 343 -24.60 -33.00 -31.41
CA ARG A 343 -24.85 -34.03 -32.42
C ARG A 343 -25.08 -35.41 -31.82
N GLU A 344 -24.18 -35.85 -30.94
CA GLU A 344 -24.25 -37.18 -30.34
C GLU A 344 -25.61 -37.44 -29.68
N GLY A 345 -26.07 -36.45 -28.91
CA GLY A 345 -27.32 -36.54 -28.17
C GLY A 345 -28.53 -36.49 -29.07
N LEU A 346 -28.51 -35.59 -30.05
CA LEU A 346 -29.60 -35.48 -31.01
C LEU A 346 -29.78 -36.81 -31.74
N GLU A 347 -28.67 -37.36 -32.22
CA GLU A 347 -28.68 -38.63 -32.92
C GLU A 347 -29.06 -39.79 -31.99
N LYS A 348 -28.76 -39.64 -30.70
CA LYS A 348 -29.19 -40.63 -29.71
C LYS A 348 -30.71 -40.56 -29.50
N ALA A 349 -31.21 -39.35 -29.28
CA ALA A 349 -32.64 -39.10 -29.11
C ALA A 349 -33.44 -39.67 -30.27
N GLN A 350 -32.87 -39.59 -31.47
CA GLN A 350 -33.47 -40.09 -32.68
C GLN A 350 -33.49 -41.62 -32.73
N ARG A 351 -32.44 -42.25 -32.23
CA ARG A 351 -32.39 -43.72 -32.13
C ARG A 351 -33.41 -44.26 -31.14
N LEU A 352 -33.50 -43.60 -29.98
CA LEU A 352 -34.47 -43.97 -28.96
C LEU A 352 -35.90 -43.82 -29.47
N LEU A 353 -36.17 -42.72 -30.16
CA LEU A 353 -37.46 -42.45 -30.80
C LEU A 353 -37.84 -43.58 -31.75
N LYS A 354 -36.94 -43.93 -32.66
CA LYS A 354 -37.13 -45.04 -33.59
C LYS A 354 -37.48 -46.34 -32.87
N GLN A 355 -36.71 -46.69 -31.84
CA GLN A 355 -36.95 -47.89 -31.04
C GLN A 355 -38.40 -47.98 -30.61
N SER A 356 -38.88 -46.94 -29.94
CA SER A 356 -40.27 -46.88 -29.48
C SER A 356 -41.28 -47.03 -30.63
N GLN A 357 -40.88 -46.60 -31.82
CA GLN A 357 -41.76 -46.65 -32.98
C GLN A 357 -41.81 -48.01 -33.67
N LYS A 358 -40.93 -48.92 -33.25
CA LYS A 358 -40.84 -50.24 -33.86
C LYS A 358 -42.04 -51.11 -33.48
N ARG A 359 -42.56 -51.87 -34.44
CA ARG A 359 -43.71 -52.74 -34.26
C ARG A 359 -43.45 -54.05 -34.97
N ALA B 1 52.08 29.72 21.10
CA ALA B 1 53.00 28.98 22.00
C ALA B 1 53.19 27.55 21.47
N ASP B 2 52.89 26.57 22.32
CA ASP B 2 52.76 25.17 21.91
C ASP B 2 51.38 24.97 21.28
N VAL B 3 50.43 25.84 21.67
CA VAL B 3 49.09 25.84 21.14
C VAL B 3 49.13 25.85 19.62
N GLU B 4 50.02 26.69 19.08
CA GLU B 4 50.16 26.89 17.65
C GLU B 4 50.55 25.61 16.95
N LYS B 5 51.49 24.87 17.54
CA LYS B 5 51.93 23.57 17.00
C LYS B 5 50.79 22.56 16.98
N HIS B 6 50.13 22.40 18.13
CA HIS B 6 48.94 21.55 18.24
C HIS B 6 47.94 21.90 17.16
N LEU B 7 47.77 23.19 16.92
CA LEU B 7 46.81 23.65 15.93
C LEU B 7 47.23 23.30 14.51
N GLU B 8 48.52 23.39 14.22
CA GLU B 8 49.02 22.99 12.89
C GLU B 8 49.04 21.48 12.75
N LEU B 9 49.57 20.79 13.76
CA LEU B 9 49.57 19.33 13.74
C LEU B 9 48.14 18.81 13.52
N GLY B 10 47.20 19.34 14.30
CA GLY B 10 45.80 18.94 14.22
C GLY B 10 45.22 19.20 12.85
N LYS B 11 45.53 20.36 12.27
CA LYS B 11 45.01 20.74 10.97
C LYS B 11 45.41 19.73 9.89
N LYS B 12 46.66 19.26 9.96
CA LYS B 12 47.19 18.29 9.01
C LYS B 12 46.56 16.94 9.22
N LEU B 13 46.59 16.47 10.47
CA LEU B 13 45.95 15.22 10.84
C LEU B 13 44.51 15.18 10.32
N LEU B 14 43.76 16.27 10.54
CA LEU B 14 42.39 16.36 10.05
C LEU B 14 42.34 16.28 8.54
N ALA B 15 43.21 17.04 7.89
CA ALA B 15 43.35 17.00 6.43
C ALA B 15 43.69 15.59 5.91
N ALA B 16 44.37 14.78 6.72
CA ALA B 16 44.73 13.42 6.33
C ALA B 16 43.76 12.37 6.86
N GLY B 17 42.67 12.82 7.47
CA GLY B 17 41.61 11.90 7.90
C GLY B 17 41.84 11.21 9.23
N GLN B 18 42.82 11.67 10.00
CA GLN B 18 43.09 11.10 11.32
C GLN B 18 42.31 11.86 12.39
N LEU B 19 41.03 11.54 12.47
CA LEU B 19 40.07 12.32 13.23
C LEU B 19 40.37 12.33 14.73
N ALA B 20 40.52 11.15 15.31
CA ALA B 20 40.79 11.06 16.75
C ALA B 20 42.10 11.74 17.12
N ASP B 21 43.14 11.51 16.32
CA ASP B 21 44.41 12.18 16.55
C ASP B 21 44.27 13.69 16.45
N ALA B 22 43.55 14.18 15.44
CA ALA B 22 43.24 15.60 15.32
C ALA B 22 42.50 16.12 16.55
N LEU B 23 41.45 15.40 16.95
CA LEU B 23 40.73 15.72 18.18
C LEU B 23 41.65 15.95 19.37
N SER B 24 42.57 15.02 19.63
CA SER B 24 43.54 15.12 20.72
C SER B 24 44.35 16.41 20.66
N GLN B 25 44.80 16.74 19.46
CA GLN B 25 45.60 17.93 19.24
C GLN B 25 44.81 19.19 19.54
N PHE B 26 43.57 19.21 19.06
CA PHE B 26 42.71 20.36 19.30
C PHE B 26 42.31 20.46 20.76
N HIS B 27 42.04 19.32 21.37
CA HIS B 27 41.79 19.26 22.81
C HIS B 27 42.93 19.91 23.58
N ALA B 28 44.16 19.56 23.24
CA ALA B 28 45.34 20.09 23.91
C ALA B 28 45.51 21.59 23.68
N ALA B 29 45.03 22.06 22.52
CA ALA B 29 45.09 23.47 22.17
C ALA B 29 44.09 24.24 23.01
N VAL B 30 42.89 23.67 23.18
CA VAL B 30 41.87 24.27 24.02
C VAL B 30 42.38 24.40 25.47
N ASP B 31 42.91 23.32 26.02
CA ASP B 31 43.44 23.32 27.37
C ASP B 31 44.61 24.28 27.51
N GLY B 32 45.45 24.33 26.49
CA GLY B 32 46.61 25.20 26.48
C GLY B 32 46.19 26.66 26.55
N ASP B 33 45.13 27.01 25.83
CA ASP B 33 44.61 28.39 25.79
C ASP B 33 43.09 28.41 25.64
N PRO B 34 42.36 28.46 26.78
CA PRO B 34 40.88 28.41 26.79
C PRO B 34 40.18 29.69 26.30
N ASP B 35 40.93 30.69 25.88
CA ASP B 35 40.36 31.89 25.29
C ASP B 35 40.48 31.86 23.75
N ASN B 36 41.10 30.80 23.24
CA ASN B 36 41.47 30.74 21.83
C ASN B 36 40.35 30.17 20.98
N TYR B 37 39.67 31.03 20.25
CA TYR B 37 38.45 30.60 19.58
C TYR B 37 38.71 29.72 18.36
N ILE B 38 39.88 29.88 17.74
CA ILE B 38 40.30 28.99 16.66
C ILE B 38 40.34 27.55 17.18
N ALA B 39 40.92 27.36 18.35
CA ALA B 39 41.04 26.01 18.90
C ALA B 39 39.67 25.37 19.00
N TYR B 40 38.74 26.12 19.59
CA TYR B 40 37.38 25.65 19.79
C TYR B 40 36.72 25.38 18.45
N TYR B 41 37.03 26.20 17.45
CA TYR B 41 36.46 26.01 16.13
C TYR B 41 36.97 24.73 15.48
N ARG B 42 38.27 24.51 15.53
CA ARG B 42 38.85 23.32 14.90
C ARG B 42 38.29 22.07 15.54
N ARG B 43 38.27 22.06 16.86
CA ARG B 43 37.67 20.95 17.59
C ARG B 43 36.25 20.70 17.13
N ALA B 44 35.53 21.78 16.85
CA ALA B 44 34.15 21.63 16.41
C ALA B 44 34.08 20.97 15.04
N THR B 45 35.01 21.32 14.16
CA THR B 45 34.94 20.82 12.79
C THR B 45 35.25 19.34 12.75
N VAL B 46 36.14 18.90 13.64
CA VAL B 46 36.39 17.46 13.79
C VAL B 46 35.20 16.73 14.41
N PHE B 47 34.56 17.33 15.41
CA PHE B 47 33.31 16.73 15.91
C PHE B 47 32.30 16.59 14.77
N LEU B 48 32.20 17.62 13.92
CA LEU B 48 31.34 17.58 12.74
C LEU B 48 31.74 16.44 11.82
N ALA B 49 33.04 16.29 11.58
CA ALA B 49 33.52 15.25 10.65
C ALA B 49 33.28 13.85 11.19
N GLY B 51 30.48 13.19 12.77
CA GLY B 51 29.02 13.07 12.82
C GLY B 51 28.43 13.20 14.21
N LYS B 52 29.06 14.02 15.04
CA LYS B 52 28.62 14.23 16.41
C LYS B 52 28.21 15.68 16.64
N SER B 53 26.99 16.02 16.22
CA SER B 53 26.49 17.38 16.31
C SER B 53 26.42 17.87 17.74
N LYS B 54 26.03 16.98 18.65
CA LYS B 54 25.92 17.30 20.07
C LYS B 54 27.23 17.73 20.68
N ALA B 55 28.31 17.10 20.25
CA ALA B 55 29.65 17.50 20.68
C ALA B 55 30.09 18.81 20.02
N ALA B 56 29.73 18.99 18.75
CA ALA B 56 30.10 20.20 18.00
C ALA B 56 29.41 21.49 18.45
N LEU B 57 28.12 21.42 18.73
CA LEU B 57 27.33 22.60 19.10
C LEU B 57 27.98 23.47 20.19
N PRO B 58 28.17 22.93 21.42
CA PRO B 58 28.73 23.76 22.49
C PRO B 58 30.02 24.45 22.10
N ASP B 59 30.88 23.76 21.35
CA ASP B 59 32.11 24.36 20.85
C ASP B 59 31.86 25.47 19.83
N LEU B 60 30.90 25.28 18.93
CA LEU B 60 30.54 26.31 17.97
C LEU B 60 29.99 27.51 18.71
N THR B 61 29.17 27.24 19.72
CA THR B 61 28.56 28.28 20.53
C THR B 61 29.60 29.05 21.34
N LYS B 62 30.59 28.34 21.88
CA LYS B 62 31.68 28.97 22.63
C LYS B 62 32.53 29.86 21.73
N VAL B 63 32.73 29.44 20.48
CA VAL B 63 33.47 30.24 19.51
C VAL B 63 32.78 31.57 19.32
N ILE B 64 31.46 31.51 19.15
CA ILE B 64 30.63 32.68 18.91
C ILE B 64 30.62 33.62 20.12
N ALA B 65 30.53 33.06 21.31
CA ALA B 65 30.60 33.87 22.54
C ALA B 65 31.92 34.65 22.61
N LEU B 66 33.02 34.02 22.21
CA LEU B 66 34.34 34.64 22.28
C LEU B 66 34.58 35.67 21.18
N LYS B 67 34.08 35.39 19.98
CA LYS B 67 34.16 36.33 18.88
C LYS B 67 32.96 36.20 17.95
N ASP B 69 31.89 37.81 15.45
CA ASP B 69 32.22 38.01 14.04
C ASP B 69 32.53 36.72 13.27
N PHE B 70 33.01 35.70 13.96
CA PHE B 70 33.60 34.51 13.31
C PHE B 70 32.60 33.79 12.44
N THR B 71 32.55 34.21 11.19
CA THR B 71 31.46 33.83 10.31
C THR B 71 31.30 32.32 10.10
N ALA B 72 32.41 31.62 9.96
CA ALA B 72 32.41 30.17 9.78
C ALA B 72 31.69 29.41 10.89
N ALA B 73 31.96 29.74 12.16
CA ALA B 73 31.30 29.04 13.27
C ALA B 73 29.80 29.32 13.29
N ARG B 74 29.45 30.53 12.90
CA ARG B 74 28.08 30.99 12.83
C ARG B 74 27.31 30.25 11.73
N LEU B 75 27.94 30.07 10.58
CA LEU B 75 27.32 29.34 9.50
C LEU B 75 27.11 27.87 9.90
N GLN B 76 28.12 27.26 10.50
CA GLN B 76 28.05 25.86 10.86
C GLN B 76 26.99 25.61 11.92
N ARG B 77 26.91 26.49 12.91
CA ARG B 77 25.86 26.40 13.93
C ARG B 77 24.49 26.58 13.29
N GLY B 78 24.37 27.54 12.38
CA GLY B 78 23.20 27.70 11.52
C GLY B 78 22.69 26.40 10.90
N HIS B 79 23.57 25.64 10.25
CA HIS B 79 23.16 24.34 9.67
C HIS B 79 22.58 23.40 10.70
N LEU B 80 23.14 23.40 11.91
CA LEU B 80 22.68 22.45 12.94
C LEU B 80 21.30 22.86 13.42
N LEU B 81 21.15 24.13 13.72
CA LEU B 81 19.87 24.68 14.16
C LEU B 81 18.76 24.34 13.17
N LEU B 82 19.04 24.41 11.88
CA LEU B 82 18.04 24.07 10.86
C LEU B 82 17.59 22.62 10.95
N LYS B 83 18.54 21.69 10.95
CA LYS B 83 18.24 20.25 11.06
C LYS B 83 17.45 19.94 12.33
N GLN B 84 17.71 20.73 13.37
CA GLN B 84 17.05 20.60 14.66
C GLN B 84 15.64 21.21 14.67
N GLY B 85 15.32 22.01 13.65
CA GLY B 85 14.03 22.66 13.53
C GLY B 85 13.92 23.93 14.35
N LYS B 86 15.04 24.43 14.85
CA LYS B 86 15.05 25.72 15.55
C LYS B 86 15.20 26.81 14.51
N LEU B 87 14.09 27.11 13.86
CA LEU B 87 14.06 27.92 12.67
C LEU B 87 14.45 29.36 12.95
N ASP B 88 13.90 29.94 14.01
CA ASP B 88 14.22 31.33 14.32
C ASP B 88 15.71 31.51 14.53
N GLU B 89 16.31 30.65 15.34
CA GLU B 89 17.71 30.76 15.68
C GLU B 89 18.63 30.46 14.49
N ALA B 90 18.21 29.52 13.64
CA ALA B 90 18.90 29.24 12.40
C ALA B 90 18.88 30.49 11.53
N GLU B 91 17.71 31.08 11.36
CA GLU B 91 17.58 32.30 10.57
C GLU B 91 18.46 33.42 11.13
N ASP B 92 18.50 33.53 12.45
CA ASP B 92 19.34 34.52 13.11
C ASP B 92 20.81 34.35 12.75
N ASP B 93 21.30 33.12 12.84
CA ASP B 93 22.68 32.80 12.54
C ASP B 93 23.02 33.05 11.08
N PHE B 94 22.16 32.60 10.18
CA PHE B 94 22.42 32.74 8.76
C PHE B 94 22.42 34.21 8.37
N LYS B 95 21.61 35.01 9.06
CA LYS B 95 21.54 36.44 8.79
C LYS B 95 22.81 37.18 9.21
N LYS B 96 23.32 36.86 10.40
CA LYS B 96 24.58 37.46 10.87
C LYS B 96 25.81 37.03 10.03
N VAL B 97 25.70 35.90 9.35
CA VAL B 97 26.72 35.44 8.42
C VAL B 97 26.85 36.42 7.24
N LEU B 98 25.70 36.91 6.77
CA LEU B 98 25.68 37.86 5.68
C LEU B 98 26.34 39.18 6.06
N LYS B 99 26.14 39.60 7.31
CA LYS B 99 26.60 40.88 7.79
C LYS B 99 27.93 40.80 8.56
N SER B 100 28.76 39.80 8.22
CA SER B 100 30.09 39.64 8.82
C SER B 100 31.19 39.33 7.81
N ASN B 101 31.00 39.82 6.58
CA ASN B 101 31.98 39.72 5.47
C ASN B 101 32.37 38.29 5.08
N PRO B 102 31.38 37.51 4.60
CA PRO B 102 31.59 36.10 4.29
C PRO B 102 32.30 35.86 2.96
N SER B 103 32.89 34.68 2.83
CA SER B 103 33.48 34.25 1.59
C SER B 103 32.39 34.01 0.57
N GLU B 104 32.79 33.88 -0.69
CA GLU B 104 31.91 33.41 -1.76
C GLU B 104 31.03 32.26 -1.28
N GLN B 105 31.69 31.20 -0.81
CA GLN B 105 31.02 29.95 -0.41
C GLN B 105 30.13 30.11 0.83
N GLU B 106 30.58 30.92 1.78
CA GLU B 106 29.80 31.16 2.97
C GLU B 106 28.51 31.90 2.63
N GLU B 107 28.61 32.92 1.80
CA GLU B 107 27.45 33.68 1.33
C GLU B 107 26.45 32.85 0.47
N LYS B 108 26.96 31.98 -0.40
CA LYS B 108 26.08 31.11 -1.18
C LYS B 108 25.27 30.21 -0.24
N GLU B 109 25.97 29.67 0.77
CA GLU B 109 25.40 28.74 1.74
C GLU B 109 24.35 29.44 2.61
N ALA B 110 24.70 30.61 3.17
CA ALA B 110 23.80 31.36 4.03
C ALA B 110 22.52 31.83 3.32
N GLU B 111 22.62 32.24 2.06
CA GLU B 111 21.45 32.64 1.26
C GLU B 111 20.56 31.46 0.87
N SER B 112 21.19 30.33 0.55
CA SER B 112 20.50 29.12 0.16
C SER B 112 19.71 28.55 1.36
N GLN B 113 20.29 28.70 2.55
CA GLN B 113 19.70 28.15 3.74
C GLN B 113 18.65 29.08 4.34
N LEU B 114 18.72 30.38 4.01
CA LEU B 114 17.67 31.32 4.41
C LEU B 114 16.38 31.13 3.60
N VAL B 115 16.53 30.85 2.31
CA VAL B 115 15.42 30.45 1.45
C VAL B 115 14.78 29.20 2.06
N LYS B 116 15.62 28.21 2.37
CA LYS B 116 15.21 26.94 2.96
C LYS B 116 14.48 27.12 4.30
N ALA B 117 14.97 28.02 5.13
CA ALA B 117 14.42 28.22 6.46
C ALA B 117 13.06 28.90 6.36
N ASP B 118 12.96 29.87 5.45
CA ASP B 118 11.71 30.54 5.17
C ASP B 118 10.58 29.59 4.69
N GLU B 119 10.94 28.61 3.86
CA GLU B 119 9.98 27.59 3.42
C GLU B 119 9.55 26.73 4.60
N GLN B 121 9.41 27.75 7.69
CA GLN B 121 8.57 28.56 8.56
C GLN B 121 7.11 28.58 8.10
N ARG B 122 6.91 28.71 6.79
CA ARG B 122 5.57 28.62 6.21
C ARG B 122 4.97 27.25 6.46
N LEU B 123 5.78 26.21 6.26
CA LEU B 123 5.31 24.83 6.44
C LEU B 123 4.94 24.54 7.88
N ARG B 124 5.72 25.07 8.81
CA ARG B 124 5.46 24.88 10.23
C ARG B 124 4.12 25.55 10.61
N SER B 125 3.89 26.76 10.11
CA SER B 125 2.62 27.46 10.30
C SER B 125 1.44 26.66 9.81
N GLN B 126 1.52 26.20 8.57
CA GLN B 126 0.45 25.44 7.98
C GLN B 126 0.18 24.16 8.78
N ALA B 127 1.24 23.46 9.14
CA ALA B 127 1.14 22.23 9.93
C ALA B 127 0.48 22.46 11.30
N LEU B 128 0.89 23.53 11.99
CA LEU B 128 0.30 23.83 13.28
C LEU B 128 -1.18 24.26 13.15
N ASP B 129 -1.49 25.06 12.14
CA ASP B 129 -2.86 25.52 11.91
C ASP B 129 -3.76 24.35 11.55
N ALA B 130 -3.25 23.44 10.70
CA ALA B 130 -3.99 22.23 10.35
C ALA B 130 -4.23 21.33 11.56
N PHE B 131 -3.22 21.22 12.44
CA PHE B 131 -3.34 20.43 13.66
C PHE B 131 -4.37 21.06 14.57
N ASP B 132 -4.30 22.38 14.74
CA ASP B 132 -5.24 23.11 15.58
C ASP B 132 -6.69 22.88 15.15
N GLY B 133 -6.95 22.83 13.84
CA GLY B 133 -8.29 22.58 13.33
C GLY B 133 -8.58 21.10 13.09
N ALA B 134 -7.90 20.23 13.84
CA ALA B 134 -7.97 18.76 13.70
C ALA B 134 -8.01 18.25 12.25
N ASP B 135 -7.32 18.94 11.36
CA ASP B 135 -7.14 18.43 10.01
C ASP B 135 -5.82 17.67 9.98
N TYR B 136 -5.85 16.43 10.44
CA TYR B 136 -4.64 15.66 10.64
C TYR B 136 -4.01 15.18 9.36
N THR B 137 -4.84 14.80 8.38
CA THR B 137 -4.33 14.35 7.09
C THR B 137 -3.60 15.49 6.37
N ALA B 138 -4.08 16.72 6.57
CA ALA B 138 -3.42 17.90 6.03
C ALA B 138 -2.13 18.14 6.76
N ALA B 139 -2.17 17.98 8.08
CA ALA B 139 -0.99 18.20 8.92
C ALA B 139 0.18 17.30 8.55
N ILE B 140 -0.06 16.01 8.27
CA ILE B 140 1.05 15.10 7.94
C ILE B 140 1.75 15.53 6.65
N THR B 141 0.97 15.97 5.66
CA THR B 141 1.52 16.42 4.37
C THR B 141 2.59 17.47 4.63
N PHE B 142 2.25 18.44 5.48
CA PHE B 142 3.18 19.51 5.82
C PHE B 142 4.34 18.99 6.67
N LEU B 143 4.03 18.10 7.60
CA LEU B 143 5.05 17.56 8.50
C LEU B 143 6.05 16.68 7.77
N ASP B 144 5.58 15.92 6.79
CA ASP B 144 6.44 15.12 5.93
C ASP B 144 7.53 15.98 5.29
N LYS B 145 7.13 17.09 4.68
CA LYS B 145 8.07 18.00 4.02
C LYS B 145 9.01 18.67 5.03
N ILE B 146 8.48 19.12 6.16
CA ILE B 146 9.33 19.70 7.20
C ILE B 146 10.37 18.70 7.67
N LEU B 147 9.93 17.51 8.08
CA LEU B 147 10.83 16.57 8.75
C LEU B 147 11.88 15.96 7.84
N GLU B 148 11.65 16.09 6.54
CA GLU B 148 12.57 15.61 5.52
C GLU B 148 13.77 16.57 5.43
N VAL B 149 13.63 17.76 6.00
CA VAL B 149 14.72 18.74 6.08
C VAL B 149 15.15 18.97 7.52
N CYS B 150 14.17 19.14 8.42
CA CYS B 150 14.48 19.29 9.85
C CYS B 150 14.53 17.92 10.53
N VAL B 151 15.53 17.14 10.16
CA VAL B 151 15.56 15.70 10.47
C VAL B 151 15.75 15.37 11.95
N TRP B 152 16.16 16.35 12.75
CA TRP B 152 16.35 16.13 14.19
C TRP B 152 15.38 16.95 15.05
N ASP B 153 14.25 17.30 14.48
CA ASP B 153 13.21 18.02 15.22
C ASP B 153 12.32 17.02 15.94
N ALA B 154 12.61 16.77 17.20
CA ALA B 154 11.92 15.75 17.96
C ALA B 154 10.44 16.08 18.12
N GLU B 155 10.14 17.33 18.40
CA GLU B 155 8.77 17.72 18.72
C GLU B 155 7.80 17.69 17.52
N LEU B 156 8.30 17.93 16.31
CA LEU B 156 7.45 17.81 15.12
C LEU B 156 7.29 16.36 14.73
N ARG B 157 8.27 15.55 15.08
CA ARG B 157 8.13 14.11 14.91
C ARG B 157 7.04 13.59 15.83
N GLU B 158 7.00 14.10 17.06
CA GLU B 158 5.91 13.79 17.99
C GLU B 158 4.55 14.24 17.50
N LEU B 159 4.48 15.47 16.98
CA LEU B 159 3.21 15.97 16.47
C LEU B 159 2.70 15.10 15.32
N ARG B 160 3.62 14.68 14.46
CA ARG B 160 3.26 13.79 13.38
C ARG B 160 2.78 12.45 13.94
N ALA B 161 3.40 11.99 15.02
CA ALA B 161 2.94 10.78 15.67
C ALA B 161 1.47 10.93 16.03
N GLU B 162 1.15 12.07 16.63
CA GLU B 162 -0.19 12.41 17.03
C GLU B 162 -1.18 12.34 15.87
N CYS B 163 -0.82 12.91 14.73
CA CYS B 163 -1.68 12.82 13.54
C CYS B 163 -1.93 11.37 13.11
N PHE B 164 -0.89 10.53 13.19
CA PHE B 164 -1.01 9.11 12.83
C PHE B 164 -1.94 8.35 13.79
N ILE B 165 -1.81 8.59 15.10
CA ILE B 165 -2.72 7.94 16.05
C ILE B 165 -4.15 8.36 15.71
N LYS B 166 -4.32 9.62 15.37
CA LYS B 166 -5.65 10.13 15.08
C LYS B 166 -6.16 9.62 13.74
N GLU B 167 -5.28 9.48 12.76
CA GLU B 167 -5.71 8.90 11.49
C GLU B 167 -5.88 7.39 11.57
N GLY B 168 -5.54 6.80 12.72
CA GLY B 168 -5.70 5.36 12.90
C GLY B 168 -4.59 4.54 12.26
N GLU B 169 -3.36 5.01 12.43
CA GLU B 169 -2.19 4.29 11.96
C GLU B 169 -1.15 4.25 13.06
N PRO B 170 -1.42 3.44 14.11
CA PRO B 170 -0.56 3.34 15.28
C PRO B 170 0.87 2.89 15.00
N ARG B 171 1.06 2.01 14.02
CA ARG B 171 2.41 1.49 13.69
C ARG B 171 3.32 2.63 13.24
N LYS B 172 2.78 3.55 12.45
CA LYS B 172 3.53 4.69 11.97
C LYS B 172 3.85 5.67 13.09
N ALA B 173 2.98 5.72 14.09
CA ALA B 173 3.19 6.59 15.23
C ALA B 173 4.23 6.04 16.20
N ILE B 174 4.21 4.73 16.47
CA ILE B 174 5.27 4.13 17.27
C ILE B 174 6.65 4.44 16.65
N SER B 175 6.78 4.20 15.35
CA SER B 175 8.01 4.47 14.62
C SER B 175 8.53 5.90 14.82
N ASP B 176 7.62 6.88 14.69
CA ASP B 176 7.97 8.28 14.88
C ASP B 176 8.29 8.59 16.32
N LEU B 177 7.58 7.93 17.23
CA LEU B 177 7.79 8.12 18.65
C LEU B 177 9.11 7.51 19.10
N LYS B 178 9.46 6.36 18.51
CA LYS B 178 10.76 5.75 18.78
C LYS B 178 11.89 6.65 18.29
N ALA B 179 11.76 7.11 17.04
CA ALA B 179 12.75 8.01 16.45
C ALA B 179 12.91 9.27 17.31
N ALA B 180 11.79 9.83 17.76
CA ALA B 180 11.81 11.02 18.63
C ALA B 180 12.53 10.78 19.95
N SER B 181 12.31 9.62 20.56
CA SER B 181 12.93 9.25 21.85
C SER B 181 14.47 9.15 21.80
N LYS B 182 15.01 8.86 20.62
CA LYS B 182 16.47 8.79 20.43
C LYS B 182 17.12 10.17 20.23
N LEU B 183 16.31 11.17 19.88
CA LEU B 183 16.81 12.55 19.75
C LEU B 183 16.65 13.35 21.05
N LYS B 184 16.09 12.72 22.07
CA LYS B 184 15.63 13.42 23.28
C LYS B 184 15.98 12.63 24.56
N SER B 185 15.90 13.30 25.72
CA SER B 185 16.14 12.64 27.01
C SER B 185 14.86 12.45 27.86
N ASP B 186 14.10 13.54 28.05
CA ASP B 186 12.87 13.51 28.83
C ASP B 186 11.76 12.70 28.12
N ASN B 187 11.79 11.39 28.31
CA ASN B 187 10.92 10.51 27.53
C ASN B 187 9.74 9.90 28.29
N THR B 188 9.42 10.40 29.47
CA THR B 188 8.27 9.86 30.21
C THR B 188 7.02 9.83 29.33
N GLU B 189 6.68 10.97 28.73
CA GLU B 189 5.47 11.04 27.90
C GLU B 189 5.61 10.22 26.61
N ALA B 190 6.82 10.12 26.07
CA ALA B 190 7.08 9.31 24.87
C ALA B 190 6.91 7.81 25.14
N PHE B 191 7.57 7.30 26.18
CA PHE B 191 7.44 5.90 26.55
C PHE B 191 5.98 5.54 26.88
N TYR B 192 5.33 6.35 27.73
CA TYR B 192 3.92 6.17 28.02
C TYR B 192 3.06 6.08 26.76
N LYS B 193 3.25 7.03 25.83
CA LYS B 193 2.53 7.03 24.55
C LYS B 193 2.79 5.73 23.78
N ILE B 194 4.06 5.34 23.68
CA ILE B 194 4.47 4.12 22.99
C ILE B 194 3.80 2.90 23.64
N SER B 195 3.96 2.81 24.96
CA SER B 195 3.41 1.71 25.76
C SER B 195 1.91 1.58 25.59
N THR B 196 1.22 2.71 25.65
CA THR B 196 -0.23 2.78 25.41
C THR B 196 -0.61 2.32 24.01
N LEU B 197 0.20 2.68 23.02
CA LEU B 197 -0.05 2.29 21.65
C LEU B 197 0.15 0.80 21.41
N TYR B 198 1.25 0.27 21.92
CA TYR B 198 1.51 -1.17 21.84
C TYR B 198 0.34 -1.92 22.46
N TYR B 199 -0.11 -1.45 23.62
CA TYR B 199 -1.24 -2.03 24.34
C TYR B 199 -2.47 -2.09 23.46
N GLN B 200 -2.83 -0.93 22.89
CA GLN B 200 -3.95 -0.82 21.98
C GLN B 200 -3.83 -1.76 20.79
N LEU B 201 -2.63 -2.27 20.53
CA LEU B 201 -2.41 -3.15 19.37
C LEU B 201 -2.41 -4.62 19.73
N GLY B 202 -2.32 -4.94 21.02
CA GLY B 202 -2.26 -6.33 21.47
C GLY B 202 -0.84 -6.77 21.73
N ASP B 203 0.10 -5.89 21.40
CA ASP B 203 1.52 -6.12 21.66
C ASP B 203 1.80 -5.88 23.12
N HIS B 204 1.31 -6.79 23.95
CA HIS B 204 1.26 -6.61 25.39
C HIS B 204 2.60 -6.73 26.10
N GLU B 205 3.50 -7.58 25.59
CA GLU B 205 4.82 -7.64 26.21
C GLU B 205 5.66 -6.41 25.87
N LEU B 206 5.60 -5.98 24.62
CA LEU B 206 6.29 -4.74 24.26
C LEU B 206 5.74 -3.56 25.07
N SER B 207 4.42 -3.50 25.22
CA SER B 207 3.77 -2.48 26.06
C SER B 207 4.33 -2.48 27.47
N LEU B 208 4.59 -3.67 28.00
CA LEU B 208 5.10 -3.84 29.37
C LEU B 208 6.54 -3.36 29.48
N SER B 209 7.40 -3.83 28.59
CA SER B 209 8.79 -3.42 28.59
C SER B 209 8.91 -1.90 28.47
N GLU B 210 8.02 -1.31 27.66
CA GLU B 210 8.02 0.15 27.44
C GLU B 210 7.64 0.93 28.67
N VAL B 211 6.62 0.48 29.39
CA VAL B 211 6.17 1.20 30.58
C VAL B 211 7.19 1.11 31.73
N ARG B 212 8.02 0.07 31.70
CA ARG B 212 9.08 -0.13 32.68
C ARG B 212 10.15 0.94 32.50
N GLU B 213 10.48 1.20 31.24
CA GLU B 213 11.39 2.26 30.84
C GLU B 213 10.83 3.62 31.21
N CYS B 214 9.50 3.76 31.21
CA CYS B 214 8.87 4.96 31.70
C CYS B 214 9.11 5.11 33.21
N LEU B 215 8.85 4.04 33.95
CA LEU B 215 9.00 4.02 35.41
C LEU B 215 10.45 4.08 35.86
N LYS B 216 11.36 3.68 34.96
CA LYS B 216 12.80 3.74 35.22
C LYS B 216 13.26 5.20 35.39
N LEU B 217 12.68 6.10 34.60
CA LEU B 217 13.08 7.50 34.61
C LEU B 217 12.28 8.33 35.62
N ASP B 218 11.07 7.87 35.95
CA ASP B 218 10.27 8.49 37.01
C ASP B 218 9.35 7.45 37.65
N GLN B 219 9.84 6.80 38.71
CA GLN B 219 9.10 5.74 39.39
C GLN B 219 7.86 6.25 40.13
N ASP B 220 7.40 7.43 39.77
CA ASP B 220 6.21 8.01 40.41
C ASP B 220 5.10 8.41 39.44
N HIS B 221 5.31 8.24 38.13
CA HIS B 221 4.33 8.66 37.14
C HIS B 221 2.95 8.01 37.34
N LYS B 222 1.98 8.80 37.80
CA LYS B 222 0.61 8.33 38.11
C LYS B 222 -0.11 7.57 36.99
N ARG B 223 0.19 7.95 35.74
CA ARG B 223 -0.36 7.26 34.57
C ARG B 223 0.50 6.06 34.20
N CYS B 224 1.81 6.20 34.37
CA CYS B 224 2.72 5.10 34.08
C CYS B 224 2.65 3.98 35.14
N PHE B 225 2.17 4.30 36.33
CA PHE B 225 1.99 3.27 37.34
C PHE B 225 0.67 2.56 37.10
N ALA B 226 -0.40 3.36 36.96
CA ALA B 226 -1.71 2.83 36.66
C ALA B 226 -1.64 1.87 35.47
N HIS B 227 -0.97 2.28 34.39
CA HIS B 227 -0.87 1.46 33.19
C HIS B 227 -0.06 0.19 33.43
N TYR B 228 1.07 0.32 34.10
CA TYR B 228 1.89 -0.84 34.45
C TYR B 228 1.08 -1.93 35.13
N LYS B 229 0.24 -1.54 36.10
CA LYS B 229 -0.70 -2.44 36.77
C LYS B 229 -1.56 -3.21 35.76
N GLN B 230 -2.19 -2.47 34.85
CA GLN B 230 -2.99 -3.07 33.80
C GLN B 230 -2.22 -4.09 32.95
N VAL B 231 -1.06 -3.69 32.41
CA VAL B 231 -0.29 -4.61 31.56
C VAL B 231 0.30 -5.78 32.31
N LYS B 232 0.94 -5.53 33.46
CA LYS B 232 1.57 -6.62 34.21
C LYS B 232 0.58 -7.74 34.49
N LYS B 233 -0.65 -7.38 34.89
CA LYS B 233 -1.69 -8.39 35.08
C LYS B 233 -2.11 -9.03 33.77
N LEU B 234 -2.62 -8.24 32.83
CA LEU B 234 -3.08 -8.75 31.53
C LEU B 234 -2.01 -9.66 30.93
N ASN B 235 -0.76 -9.21 31.01
CA ASN B 235 0.37 -9.96 30.53
C ASN B 235 0.61 -11.25 31.32
N LYS B 236 0.36 -11.23 32.62
CA LYS B 236 0.59 -12.44 33.44
C LYS B 236 -0.49 -13.49 33.20
N LEU B 237 -1.72 -13.04 33.05
CA LEU B 237 -2.83 -13.90 32.70
C LEU B 237 -2.56 -14.62 31.38
N ILE B 238 -2.17 -13.87 30.36
CA ILE B 238 -1.90 -14.43 29.03
C ILE B 238 -0.76 -15.44 29.07
N GLU B 239 0.29 -15.13 29.84
CA GLU B 239 1.47 -15.99 29.89
C GLU B 239 1.22 -17.30 30.62
N SER B 240 0.41 -17.25 31.67
CA SER B 240 0.12 -18.44 32.44
C SER B 240 -0.95 -19.25 31.72
N ALA B 241 -1.83 -18.58 30.99
CA ALA B 241 -2.77 -19.27 30.11
C ALA B 241 -2.02 -20.15 29.12
N GLU B 242 -0.96 -19.60 28.56
CA GLU B 242 -0.14 -20.29 27.58
C GLU B 242 0.68 -21.42 28.19
N GLU B 243 1.03 -21.28 29.47
CA GLU B 243 1.69 -22.37 30.19
C GLU B 243 0.71 -23.51 30.40
N LEU B 244 -0.52 -23.16 30.76
CA LEU B 244 -1.59 -24.13 30.88
C LEU B 244 -1.80 -24.92 29.57
N ILE B 245 -2.02 -24.23 28.45
CA ILE B 245 -2.25 -24.96 27.20
C ILE B 245 -1.03 -25.79 26.81
N ARG B 246 0.16 -25.33 27.17
CA ARG B 246 1.37 -26.08 26.88
C ARG B 246 1.38 -27.45 27.58
N ASP B 247 0.68 -27.55 28.71
CA ASP B 247 0.66 -28.74 29.55
C ASP B 247 -0.66 -29.51 29.51
N GLY B 248 -1.57 -29.11 28.63
CA GLY B 248 -2.81 -29.85 28.42
C GLY B 248 -3.98 -29.49 29.33
N ARG B 249 -3.77 -28.54 30.24
CA ARG B 249 -4.86 -28.05 31.11
C ARG B 249 -5.79 -27.06 30.36
N TYR B 250 -6.51 -27.58 29.37
CA TYR B 250 -7.31 -26.76 28.47
C TYR B 250 -8.47 -26.03 29.12
N THR B 251 -9.11 -26.69 30.09
CA THR B 251 -10.27 -26.10 30.72
C THR B 251 -9.82 -24.97 31.64
N ASP B 252 -8.62 -25.12 32.22
CA ASP B 252 -8.04 -24.05 33.05
C ASP B 252 -7.66 -22.85 32.20
N ALA B 253 -6.94 -23.11 31.12
CA ALA B 253 -6.51 -22.10 30.16
C ALA B 253 -7.69 -21.29 29.62
N THR B 254 -8.79 -21.98 29.30
CA THR B 254 -10.05 -21.34 28.94
C THR B 254 -10.51 -20.34 30.01
N SER B 255 -10.37 -20.73 31.28
CA SER B 255 -10.72 -19.82 32.38
C SER B 255 -9.83 -18.59 32.39
N LYS B 256 -8.53 -18.78 32.20
CA LYS B 256 -7.59 -17.65 32.15
C LYS B 256 -7.96 -16.68 31.04
N TYR B 257 -8.13 -17.21 29.83
CA TYR B 257 -8.41 -16.39 28.65
C TYR B 257 -9.75 -15.66 28.70
N GLU B 258 -10.72 -16.26 29.40
CA GLU B 258 -12.02 -15.64 29.55
C GLU B 258 -11.88 -14.43 30.46
N SER B 259 -11.08 -14.56 31.51
CA SER B 259 -10.82 -13.47 32.44
C SER B 259 -9.80 -12.46 31.89
N VAL B 260 -9.06 -12.87 30.85
CA VAL B 260 -8.25 -11.94 30.08
C VAL B 260 -9.19 -10.95 29.40
N LYS B 262 -12.28 -10.15 30.50
CA LYS B 262 -12.86 -9.29 31.54
C LYS B 262 -11.88 -8.20 31.97
N THR B 263 -10.60 -8.55 32.05
CA THR B 263 -9.53 -7.65 32.49
C THR B 263 -9.23 -6.57 31.46
N GLU B 264 -9.62 -6.81 30.21
CA GLU B 264 -9.51 -5.81 29.16
C GLU B 264 -10.56 -6.04 28.09
N PRO B 265 -11.77 -5.48 28.28
CA PRO B 265 -12.91 -5.75 27.42
C PRO B 265 -13.07 -4.78 26.26
N SER B 266 -12.27 -3.73 26.22
CA SER B 266 -12.48 -2.66 25.25
C SER B 266 -11.63 -2.84 24.00
N VAL B 267 -10.39 -3.24 24.17
CA VAL B 267 -9.48 -3.39 23.05
C VAL B 267 -9.79 -4.68 22.28
N ALA B 268 -10.10 -4.52 20.99
CA ALA B 268 -10.61 -5.63 20.17
C ALA B 268 -9.62 -6.79 20.09
N GLU B 269 -8.36 -6.48 19.82
CA GLU B 269 -7.33 -7.50 19.68
C GLU B 269 -7.33 -8.56 20.78
N TYR B 270 -7.62 -8.16 22.01
CA TYR B 270 -7.47 -9.10 23.11
C TYR B 270 -8.60 -10.10 23.14
N THR B 271 -9.76 -9.68 22.66
CA THR B 271 -10.89 -10.61 22.60
C THR B 271 -10.76 -11.52 21.37
N VAL B 272 -10.28 -11.01 20.26
CA VAL B 272 -9.99 -11.84 19.08
C VAL B 272 -8.89 -12.91 19.32
N ARG B 273 -7.77 -12.51 19.93
CA ARG B 273 -6.69 -13.44 20.21
C ARG B 273 -7.13 -14.47 21.25
N SER B 274 -7.82 -14.04 22.29
CA SER B 274 -8.33 -14.93 23.33
C SER B 274 -9.31 -15.93 22.76
N LYS B 275 -10.28 -15.44 21.97
CA LYS B 275 -11.20 -16.30 21.25
C LYS B 275 -10.44 -17.38 20.49
N GLU B 276 -9.39 -16.99 19.79
CA GLU B 276 -8.61 -17.93 19.01
C GLU B 276 -8.02 -19.03 19.91
N ARG B 277 -7.44 -18.62 21.03
CA ARG B 277 -6.87 -19.58 21.95
C ARG B 277 -7.95 -20.47 22.59
N ILE B 278 -9.12 -19.89 22.88
CA ILE B 278 -10.23 -20.68 23.42
C ILE B 278 -10.78 -21.68 22.37
N CYS B 279 -10.81 -21.25 21.11
CA CYS B 279 -11.09 -22.13 19.98
C CYS B 279 -10.18 -23.35 20.00
N HIS B 280 -8.88 -23.13 20.20
CA HIS B 280 -7.91 -24.21 20.29
C HIS B 280 -8.17 -25.11 21.50
N CYS B 281 -8.62 -24.50 22.60
CA CYS B 281 -8.96 -25.25 23.80
C CYS B 281 -10.14 -26.18 23.60
N PHE B 282 -11.30 -25.61 23.30
CA PHE B 282 -12.49 -26.40 23.06
C PHE B 282 -12.20 -27.56 22.09
N SER B 283 -11.45 -27.26 21.02
CA SER B 283 -11.09 -28.26 20.02
C SER B 283 -10.24 -29.38 20.63
N LYS B 284 -9.29 -29.02 21.47
CA LYS B 284 -8.40 -30.01 22.08
C LYS B 284 -8.98 -30.61 23.37
N ASP B 285 -10.11 -30.08 23.83
CA ASP B 285 -10.66 -30.43 25.12
C ASP B 285 -12.03 -31.15 25.03
N GLU B 286 -12.26 -31.88 23.93
CA GLU B 286 -13.49 -32.67 23.75
C GLU B 286 -14.81 -31.88 23.69
N LYS B 287 -14.73 -30.58 23.40
CA LYS B 287 -15.91 -29.73 23.26
C LYS B 287 -16.09 -29.29 21.81
N PRO B 288 -16.43 -30.24 20.90
CA PRO B 288 -16.33 -29.92 19.47
C PRO B 288 -17.39 -28.92 19.03
N VAL B 289 -18.59 -29.04 19.58
CA VAL B 289 -19.70 -28.16 19.20
C VAL B 289 -19.35 -26.73 19.62
N GLU B 290 -18.79 -26.58 20.82
CA GLU B 290 -18.31 -25.27 21.27
C GLU B 290 -17.13 -24.80 20.44
N ALA B 291 -16.26 -25.72 20.05
CA ALA B 291 -15.16 -25.37 19.14
C ALA B 291 -15.70 -24.75 17.85
N ILE B 292 -16.59 -25.45 17.16
CA ILE B 292 -17.16 -24.94 15.90
C ILE B 292 -17.76 -23.53 16.08
N ARG B 293 -18.30 -23.24 17.25
CA ARG B 293 -18.94 -21.96 17.47
C ARG B 293 -17.94 -20.81 17.61
N ILE B 294 -17.06 -20.86 18.61
CA ILE B 294 -16.09 -19.78 18.75
C ILE B 294 -15.09 -19.69 17.59
N CYS B 295 -14.63 -20.82 17.06
CA CYS B 295 -13.74 -20.78 15.90
C CYS B 295 -14.39 -20.05 14.71
N SER B 296 -15.70 -20.22 14.54
CA SER B 296 -16.43 -19.50 13.48
C SER B 296 -16.54 -18.01 13.76
N GLU B 297 -16.68 -17.63 15.03
CA GLU B 297 -16.61 -16.22 15.41
C GLU B 297 -15.25 -15.62 15.03
N VAL B 298 -14.19 -16.36 15.35
CA VAL B 298 -12.82 -15.94 15.06
C VAL B 298 -12.64 -15.77 13.57
N LEU B 299 -13.06 -16.80 12.82
CA LEU B 299 -12.89 -16.82 11.36
C LEU B 299 -13.84 -15.86 10.65
N GLN B 300 -14.87 -15.41 11.37
CA GLN B 300 -15.75 -14.37 10.87
C GLN B 300 -14.96 -13.07 10.73
N GLU B 302 -11.26 -12.90 10.98
CA GLU B 302 -9.99 -13.13 10.30
C GLU B 302 -10.09 -14.41 9.46
N PRO B 303 -10.68 -14.31 8.26
CA PRO B 303 -10.96 -15.49 7.41
C PRO B 303 -9.76 -16.37 7.01
N ASP B 304 -8.54 -15.89 7.25
CA ASP B 304 -7.34 -16.67 6.91
C ASP B 304 -6.52 -17.11 8.13
N ASN B 305 -7.14 -17.07 9.31
CA ASN B 305 -6.50 -17.53 10.55
C ASN B 305 -6.26 -19.04 10.48
N VAL B 306 -5.04 -19.41 10.12
CA VAL B 306 -4.64 -20.81 9.96
C VAL B 306 -4.91 -21.66 11.21
N ASN B 307 -4.68 -21.09 12.39
CA ASN B 307 -4.90 -21.79 13.67
C ASN B 307 -6.36 -22.12 13.92
N ALA B 308 -7.24 -21.15 13.71
CA ALA B 308 -8.67 -21.36 13.82
C ALA B 308 -9.16 -22.36 12.75
N LEU B 309 -8.58 -22.31 11.56
CA LEU B 309 -8.90 -23.26 10.49
C LEU B 309 -8.48 -24.68 10.86
N LYS B 310 -7.26 -24.84 11.38
CA LYS B 310 -6.80 -26.16 11.87
C LYS B 310 -7.71 -26.73 12.97
N ASP B 311 -8.00 -25.92 13.98
CA ASP B 311 -8.79 -26.36 15.13
C ASP B 311 -10.25 -26.60 14.82
N ARG B 312 -10.84 -25.77 13.96
CA ARG B 312 -12.23 -25.96 13.56
C ARG B 312 -12.38 -27.23 12.70
N ALA B 313 -11.31 -27.61 12.00
CA ALA B 313 -11.32 -28.81 11.19
C ALA B 313 -11.38 -30.08 12.03
N GLU B 314 -10.57 -30.14 13.09
CA GLU B 314 -10.56 -31.25 14.04
C GLU B 314 -11.97 -31.49 14.57
N ALA B 315 -12.62 -30.42 14.99
CA ALA B 315 -13.96 -30.49 15.54
C ALA B 315 -14.95 -30.98 14.49
N TYR B 316 -14.78 -30.54 13.24
CA TYR B 316 -15.60 -31.04 12.14
C TYR B 316 -15.47 -32.56 11.95
N LEU B 317 -14.23 -33.06 12.03
CA LEU B 317 -13.99 -34.49 11.93
C LEU B 317 -14.68 -35.25 13.08
N ILE B 318 -14.62 -34.69 14.28
CA ILE B 318 -15.26 -35.30 15.45
C ILE B 318 -16.78 -35.25 15.30
N GLU B 319 -17.28 -34.25 14.59
CA GLU B 319 -18.72 -34.14 14.32
C GLU B 319 -19.11 -34.84 13.04
N GLU B 320 -18.15 -35.54 12.47
CA GLU B 320 -18.33 -36.30 11.23
C GLU B 320 -18.81 -35.45 10.06
N TYR B 322 -17.35 -34.07 7.21
CA TYR B 322 -16.12 -34.25 6.46
C TYR B 322 -15.89 -33.21 5.37
N ASP B 323 -16.96 -32.78 4.69
CA ASP B 323 -16.82 -31.77 3.66
C ASP B 323 -16.21 -30.51 4.25
N GLU B 324 -16.81 -30.03 5.34
CA GLU B 324 -16.34 -28.79 5.98
C GLU B 324 -14.94 -28.90 6.58
N ALA B 325 -14.58 -30.07 7.07
CA ALA B 325 -13.23 -30.29 7.55
C ALA B 325 -12.24 -30.19 6.39
N ILE B 326 -12.64 -30.70 5.23
CA ILE B 326 -11.85 -30.64 4.02
C ILE B 326 -11.64 -29.19 3.60
N GLN B 327 -12.74 -28.43 3.54
CA GLN B 327 -12.73 -27.03 3.16
C GLN B 327 -11.71 -26.28 3.99
N ASP B 328 -11.79 -26.46 5.31
CA ASP B 328 -10.88 -25.82 6.22
C ASP B 328 -9.42 -26.24 6.02
N TYR B 329 -9.15 -27.54 5.97
CA TYR B 329 -7.79 -27.97 5.73
C TYR B 329 -7.20 -27.41 4.44
N GLU B 330 -8.01 -27.34 3.39
CA GLU B 330 -7.58 -26.74 2.14
C GLU B 330 -7.24 -25.28 2.31
N ALA B 331 -8.18 -24.52 2.88
CA ALA B 331 -7.96 -23.11 3.20
C ALA B 331 -6.68 -22.91 4.02
N ALA B 332 -6.44 -23.81 4.97
CA ALA B 332 -5.23 -23.77 5.79
C ALA B 332 -4.00 -24.11 4.96
N GLN B 333 -4.17 -25.01 4.00
CA GLN B 333 -3.06 -25.52 3.21
C GLN B 333 -2.61 -24.54 2.14
N GLU B 334 -3.51 -23.64 1.73
CA GLU B 334 -3.21 -22.71 0.64
C GLU B 334 -1.89 -21.97 0.92
N HIS B 335 -1.69 -21.61 2.18
CA HIS B 335 -0.45 -20.95 2.62
C HIS B 335 0.69 -21.94 2.93
N ASN B 336 0.40 -23.04 3.63
CA ASN B 336 1.43 -23.95 4.15
C ASN B 336 1.40 -25.35 3.54
N GLU B 337 2.51 -25.79 2.95
CA GLU B 337 2.54 -27.14 2.38
C GLU B 337 3.59 -28.05 3.01
N ASN B 338 4.48 -27.47 3.83
CA ASN B 338 5.39 -28.26 4.66
C ASN B 338 4.70 -28.71 5.94
N ASP B 339 3.61 -28.01 6.28
CA ASP B 339 2.84 -28.29 7.50
C ASP B 339 2.24 -29.68 7.42
N GLN B 340 2.90 -30.63 8.08
CA GLN B 340 2.55 -32.04 8.08
C GLN B 340 1.19 -32.34 8.73
N GLN B 341 0.77 -31.49 9.66
CA GLN B 341 -0.56 -31.61 10.27
C GLN B 341 -1.66 -31.45 9.22
N ILE B 342 -1.57 -30.39 8.42
CA ILE B 342 -2.53 -30.17 7.35
C ILE B 342 -2.59 -31.38 6.43
N ARG B 343 -1.44 -31.83 5.94
CA ARG B 343 -1.38 -32.94 5.00
C ARG B 343 -2.10 -34.17 5.56
N GLU B 344 -1.80 -34.52 6.81
CA GLU B 344 -2.38 -35.69 7.47
C GLU B 344 -3.86 -35.53 7.79
N GLY B 345 -4.21 -34.35 8.29
CA GLY B 345 -5.62 -33.97 8.51
C GLY B 345 -6.46 -33.97 7.24
N LEU B 346 -5.91 -33.40 6.18
CA LEU B 346 -6.58 -33.41 4.89
C LEU B 346 -6.81 -34.84 4.39
N GLU B 347 -5.75 -35.66 4.43
CA GLU B 347 -5.83 -37.07 3.98
C GLU B 347 -6.82 -37.92 4.78
N LYS B 348 -6.82 -37.72 6.10
CA LYS B 348 -7.78 -38.36 7.00
C LYS B 348 -9.21 -37.98 6.61
N ALA B 349 -9.44 -36.67 6.51
CA ALA B 349 -10.72 -36.12 6.04
C ALA B 349 -11.16 -36.72 4.71
N GLN B 350 -10.24 -36.86 3.76
CA GLN B 350 -10.55 -37.49 2.47
C GLN B 350 -10.98 -38.96 2.67
N ARG B 351 -10.14 -39.77 3.32
CA ARG B 351 -10.47 -41.17 3.57
C ARG B 351 -11.82 -41.36 4.25
N LEU B 352 -12.08 -40.59 5.31
CA LEU B 352 -13.35 -40.66 6.02
C LEU B 352 -14.57 -40.24 5.18
N LEU B 353 -14.40 -39.23 4.33
CA LEU B 353 -15.46 -38.79 3.43
C LEU B 353 -15.79 -39.87 2.41
N LYS B 354 -14.75 -40.40 1.75
CA LYS B 354 -14.94 -41.42 0.72
C LYS B 354 -15.62 -42.66 1.29
N GLN B 355 -15.16 -43.09 2.47
CA GLN B 355 -15.74 -44.22 3.17
C GLN B 355 -17.20 -43.92 3.53
N SER B 356 -17.46 -42.71 4.02
CA SER B 356 -18.80 -42.31 4.37
C SER B 356 -19.67 -42.09 3.14
N GLN B 357 -19.04 -41.77 2.02
CA GLN B 357 -19.77 -41.60 0.77
C GLN B 357 -20.26 -42.92 0.15
N LYS B 358 -19.74 -44.05 0.61
CA LYS B 358 -20.17 -45.36 0.12
C LYS B 358 -21.62 -45.67 0.51
N ARG B 359 -22.52 -45.55 -0.46
CA ARG B 359 -23.94 -45.90 -0.29
C ARG B 359 -24.48 -46.77 -1.43
#